data_7D3R
#
_entry.id   7D3R
#
_cell.length_a   1.00
_cell.length_b   1.00
_cell.length_c   1.00
_cell.angle_alpha   90.00
_cell.angle_beta   90.00
_cell.angle_gamma   90.00
#
_symmetry.space_group_name_H-M   'P 1'
#
loop_
_entity.id
_entity.type
_entity.pdbx_description
1 polymer 'A/WH/CHA/09 VP1'
2 polymer 'A/WH/CHA/09 VP2'
3 polymer 'A/WH/CHA/09 VP3'
4 polymer 'A/WH/CHA/09 VP4'
5 polymer 'R50 VH'
6 polymer 'R50 VL'
#
loop_
_entity_poly.entity_id
_entity_poly.type
_entity_poly.pdbx_seq_one_letter_code
_entity_poly.pdbx_strand_id
1 'polypeptide(L)'
;TTATGESADPVTTTVENYGGETQVQRRHHTDVSFIMDRFVQIKPVSPTHVIDLMQTHQHGLVGAMLRAATYYFSDLEIVV
NHTGRLTWVPNGAPEAALDNTSNPTAYHKAPFTRLALPYTAPHRVLATVYNGNSKYSAPATRRGDLGSLAARLAAQLPAS
FNYGAIRATEIQELLVRMKRAELYCPRPLLAVKVTSQDRHKQKIIAPAKQLL
;
1
2 'polypeptide(L)'
;DKKTEETTLLEDRILTTRNGHTTSTTQSSVGVTYGYSTGEDHVSGPNTSGLETRVVQAERFFKKHLFDWTTDKPFGHIEK
LELPTDHKGVYGQLVDSFAYMRNGWDVEVSAVGNQFNGGCLLVAMVPEFKEFTTREKYQLTLFPHQFISPRTNMTAHITV
PYLGVNRYDQYNKHKPWTLVVMVVSPLTTSSIGASQIKVYTNIAPTHVHVAGELPSKE
;
2
3 'polypeptide(L)'
;GIVPVACSDGYGGLVTTDPKTADPAYGMVYNPPRTNYPGRFTNLLDVAEACPTFLCFDDGKPYVVTRADEQRLLAKFDLS
LAAKHMSNTYLSGIAQYYAQYSGTINLHFMFTGSTDSKARYMVAYVPPGVTTPPDTPERAAHCIHAEWDTGLNSKFTFSI
PYVSAADYAYTASDVADTTNVQGWVCIYQITHGKAEQDTLVVSVSAGKDFELRLPIDPRAQ
;
3
4 'polypeptide(L)'
;GAGQSSPATGSQNQSGNTGSIINNYYMQQYQNSMDTQLGDNAISGGSNEGSTDTTSSHTTNTQNNDWFSKLASSAFTGLF
GALLA
;
4
5 'polypeptide(L)'
;QVQLRESGPSLVKPSQTLSLTCTASGLSLSDKAVGWVRRAPTKALEWLGSIDTGSSTGYNPGLKSRLSITKDNSRNQVSL
TITSVTTEDSATYYCATVHQHTSEKRTCPRAYRPDCAARWDCPGGADCGYCNFGAGSYGRCTPFTLTYTFENYVHTWGQG
LLVTVSS
;
H
6 'polypeptide(L)'
;WAQAVLTQPSSVSGSLGQRVSITCSGSSSNVGNGYVSWYQLIPGSAPRTLIYGDTNRASGVPDRFSGSRAGNTATLSISS
LQAEDEAEYFCASPEDSSSNANFGSGTTLTVLGDYKDDDDKGG
;
L
#
# COMPACT_ATOMS: atom_id res chain seq x y z
N THR A 1 -9.26 39.03 34.58
CA THR A 1 -8.05 39.89 34.52
C THR A 1 -8.11 40.81 33.30
N THR A 2 -9.25 40.81 32.60
CA THR A 2 -9.48 41.68 31.41
C THR A 2 -8.33 41.55 30.40
N ALA A 3 -8.00 40.32 29.99
CA ALA A 3 -6.90 40.05 29.03
C ALA A 3 -7.29 40.44 27.59
N THR A 4 -6.30 40.50 26.68
CA THR A 4 -6.58 40.87 25.27
C THR A 4 -7.68 39.96 24.69
N GLY A 5 -7.83 38.76 25.25
CA GLY A 5 -8.86 37.79 24.81
C GLY A 5 -8.59 37.15 23.45
N GLU A 6 -8.52 37.96 22.39
CA GLU A 6 -8.31 37.47 21.00
C GLU A 6 -6.94 36.78 20.84
N SER A 7 -5.93 37.24 21.59
CA SER A 7 -4.55 36.70 21.46
C SER A 7 -4.46 35.20 21.76
N ALA A 8 -5.47 34.68 22.47
CA ALA A 8 -5.57 33.25 22.87
C ALA A 8 -4.33 32.86 23.68
N ASP A 9 -3.54 33.85 24.09
CA ASP A 9 -2.35 33.60 24.94
C ASP A 9 -2.88 33.03 26.25
N PRO A 10 -2.25 32.00 26.86
CA PRO A 10 -2.80 31.41 28.08
C PRO A 10 -2.88 32.45 29.20
N VAL A 11 -4.06 32.52 29.84
CA VAL A 11 -4.29 33.44 31.00
C VAL A 11 -4.87 32.58 32.12
N THR A 12 -4.27 32.61 33.31
CA THR A 12 -4.78 31.80 34.44
C THR A 12 -4.92 32.71 35.67
N THR A 13 -6.15 33.17 35.93
CA THR A 13 -6.40 34.03 37.06
C THR A 13 -6.40 33.21 38.34
N THR A 14 -5.61 33.65 39.31
CA THR A 14 -5.57 33.01 40.60
C THR A 14 -6.79 33.43 41.42
N VAL A 15 -6.95 32.81 42.60
CA VAL A 15 -8.00 33.26 43.52
C VAL A 15 -7.56 34.46 44.34
N GLU A 16 -6.31 34.89 44.17
CA GLU A 16 -5.79 36.04 44.94
C GLU A 16 -6.51 37.33 44.54
N ASN A 17 -7.40 37.27 43.54
CA ASN A 17 -8.14 38.48 43.09
C ASN A 17 -9.05 38.98 44.22
N TYR A 18 -9.88 38.12 44.82
CA TYR A 18 -10.85 38.64 45.82
C TYR A 18 -10.37 38.43 47.27
N GLY A 19 -9.06 38.48 47.50
CA GLY A 19 -8.51 38.35 48.86
C GLY A 19 -8.34 36.90 49.31
N GLY A 20 -8.72 35.94 48.48
CA GLY A 20 -8.55 34.52 48.82
C GLY A 20 -7.18 34.06 48.34
N GLU A 21 -6.64 32.98 48.90
CA GLU A 21 -5.32 32.60 48.42
C GLU A 21 -5.38 31.24 47.72
N THR A 22 -4.36 30.97 46.91
CA THR A 22 -4.30 29.74 46.13
C THR A 22 -3.60 28.67 46.94
N GLN A 23 -4.18 27.47 46.93
CA GLN A 23 -3.70 26.38 47.78
C GLN A 23 -2.70 25.52 47.01
N VAL A 24 -2.28 24.43 47.63
CA VAL A 24 -1.26 23.55 47.08
C VAL A 24 -1.92 22.47 46.24
N GLN A 25 -1.34 22.21 45.07
CA GLN A 25 -1.86 21.24 44.12
C GLN A 25 -0.93 20.04 44.04
N ARG A 26 -1.49 18.85 44.19
CA ARG A 26 -0.74 17.60 44.02
C ARG A 26 -1.39 16.86 42.86
N ARG A 27 -0.91 17.14 41.65
CA ARG A 27 -1.49 16.59 40.43
C ARG A 27 -0.66 15.39 39.98
N HIS A 28 -0.82 14.28 40.69
CA HIS A 28 -0.24 13.01 40.27
C HIS A 28 -1.24 12.19 39.45
N HIS A 29 -2.44 11.99 39.98
CA HIS A 29 -3.41 11.12 39.34
C HIS A 29 -3.84 11.62 37.98
N THR A 30 -3.52 12.86 37.63
CA THR A 30 -3.77 13.39 36.29
C THR A 30 -2.47 13.56 35.52
N ASP A 31 -1.55 12.63 35.69
CA ASP A 31 -0.33 12.59 34.90
C ASP A 31 -0.56 11.75 33.65
N VAL A 32 0.41 11.79 32.74
CA VAL A 32 0.29 11.02 31.52
C VAL A 32 0.97 9.66 31.66
N SER A 33 2.19 9.62 32.20
CA SER A 33 2.83 8.34 32.42
C SER A 33 2.19 7.54 33.53
N PHE A 34 1.23 8.11 34.25
CA PHE A 34 0.54 7.43 35.35
C PHE A 34 -0.86 6.99 34.96
N ILE A 35 -1.59 7.82 34.20
CA ILE A 35 -2.97 7.47 33.88
C ILE A 35 -3.06 6.40 32.81
N MET A 36 -1.97 6.13 32.10
CA MET A 36 -1.97 5.13 31.03
C MET A 36 -1.32 3.81 31.44
N ASP A 37 -0.77 3.72 32.64
CA ASP A 37 -0.12 2.51 33.10
C ASP A 37 -1.03 1.38 33.57
N ARG A 38 -2.32 1.60 33.67
CA ARG A 38 -3.28 0.54 33.91
C ARG A 38 -3.67 -0.34 32.74
N PHE A 39 -4.21 -1.53 33.06
CA PHE A 39 -4.59 -2.50 32.00
C PHE A 39 -5.94 -2.14 31.37
N VAL A 40 -5.95 -1.98 30.04
CA VAL A 40 -7.19 -1.64 29.29
C VAL A 40 -7.54 -2.84 28.40
N GLN A 41 -8.63 -3.52 28.72
CA GLN A 41 -9.07 -4.73 27.96
C GLN A 41 -9.44 -4.35 26.53
N ILE A 42 -9.07 -5.21 25.57
CA ILE A 42 -9.40 -5.02 24.13
C ILE A 42 -10.45 -6.06 23.76
N LYS A 43 -11.63 -5.60 23.31
CA LYS A 43 -12.75 -6.53 22.99
C LYS A 43 -13.37 -6.12 21.65
N PRO A 44 -13.86 -7.07 20.81
CA PRO A 44 -13.70 -8.50 21.06
C PRO A 44 -12.34 -8.95 20.52
N VAL A 45 -11.79 -10.02 21.11
CA VAL A 45 -10.47 -10.56 20.69
C VAL A 45 -10.68 -11.98 20.17
N SER A 46 -9.79 -12.44 19.29
CA SER A 46 -9.89 -13.78 18.67
C SER A 46 -8.50 -14.21 18.17
N PRO A 47 -8.33 -15.45 17.68
CA PRO A 47 -7.02 -15.90 17.16
C PRO A 47 -6.56 -15.03 15.98
N THR A 48 -5.24 -14.93 15.80
CA THR A 48 -4.60 -14.12 14.73
C THR A 48 -5.07 -12.68 14.90
N HIS A 49 -5.08 -12.21 16.14
CA HIS A 49 -5.54 -10.84 16.47
C HIS A 49 -4.32 -9.95 16.73
N VAL A 50 -4.26 -8.82 16.02
CA VAL A 50 -3.16 -7.83 16.14
C VAL A 50 -3.22 -7.22 17.54
N ILE A 51 -2.07 -6.88 18.14
CA ILE A 51 -2.02 -6.27 19.51
C ILE A 51 -2.01 -4.74 19.41
N ASP A 52 -2.29 -4.21 18.21
CA ASP A 52 -2.38 -2.76 17.95
C ASP A 52 -3.58 -2.15 18.72
N LEU A 53 -3.34 -1.04 19.43
CA LEU A 53 -4.36 -0.36 20.26
C LEU A 53 -5.22 0.62 19.40
N MET A 54 -6.20 1.24 20.04
CA MET A 54 -7.16 2.18 19.31
C MET A 54 -8.30 1.16 19.13
N GLN A 55 -8.10 -0.11 19.51
CA GLN A 55 -9.19 -1.05 19.44
C GLN A 55 -9.70 -1.07 20.89
N THR A 56 -8.97 -0.47 21.82
CA THR A 56 -9.53 -0.11 23.11
C THR A 56 -10.79 0.69 22.92
N HIS A 57 -11.73 0.55 23.85
CA HIS A 57 -13.00 1.25 23.75
C HIS A 57 -12.74 2.75 23.74
N GLN A 58 -13.54 3.47 22.94
CA GLN A 58 -13.31 4.91 22.80
C GLN A 58 -13.56 5.65 24.10
N HIS A 59 -14.40 5.11 24.97
CA HIS A 59 -14.81 5.79 26.19
C HIS A 59 -14.07 5.31 27.43
N GLY A 60 -13.22 4.31 27.31
CA GLY A 60 -12.50 3.82 28.47
C GLY A 60 -11.49 4.83 28.97
N LEU A 61 -10.96 4.53 30.16
CA LEU A 61 -10.01 5.44 30.80
C LEU A 61 -8.72 5.53 30.00
N VAL A 62 -8.36 4.47 29.28
CA VAL A 62 -7.09 4.43 28.57
C VAL A 62 -7.36 4.51 27.07
N GLY A 63 -8.63 4.39 26.70
CA GLY A 63 -9.00 4.58 25.31
C GLY A 63 -9.22 6.04 25.01
N ALA A 64 -10.05 6.71 25.80
CA ALA A 64 -10.31 8.12 25.57
C ALA A 64 -9.09 8.96 25.90
N MET A 65 -8.38 8.61 26.97
CA MET A 65 -7.19 9.39 27.32
C MET A 65 -6.10 9.23 26.28
N LEU A 66 -6.21 8.21 25.44
CA LEU A 66 -5.25 8.04 24.35
C LEU A 66 -5.71 8.75 23.10
N ARG A 67 -6.98 8.60 22.73
CA ARG A 67 -7.53 9.35 21.61
C ARG A 67 -7.59 10.84 21.88
N ALA A 68 -7.29 11.28 23.10
CA ALA A 68 -7.16 12.68 23.42
C ALA A 68 -5.77 13.22 23.10
N ALA A 69 -5.01 12.50 22.27
CA ALA A 69 -3.71 12.96 21.83
C ALA A 69 -3.48 12.42 20.43
N THR A 70 -2.93 13.25 19.57
CA THR A 70 -2.76 12.85 18.18
C THR A 70 -1.69 11.78 18.03
N TYR A 71 -0.53 11.99 18.63
CA TYR A 71 0.61 11.09 18.52
C TYR A 71 0.95 10.52 19.89
N TYR A 72 1.16 9.21 19.95
CA TYR A 72 1.45 8.56 21.26
C TYR A 72 2.53 7.48 21.09
N PHE A 73 3.61 7.57 21.86
CA PHE A 73 4.66 6.53 21.83
C PHE A 73 4.72 5.88 23.22
N SER A 74 4.56 4.56 23.31
CA SER A 74 4.59 3.88 24.61
C SER A 74 5.08 2.43 24.45
N ASP A 75 5.59 1.84 25.53
CA ASP A 75 6.06 0.44 25.49
C ASP A 75 4.90 -0.43 26.00
N LEU A 76 4.33 -1.24 25.12
CA LEU A 76 3.13 -2.08 25.44
C LEU A 76 3.50 -3.28 26.33
N GLU A 77 2.62 -3.57 27.28
CA GLU A 77 2.71 -4.77 28.17
C GLU A 77 1.43 -5.55 27.90
N ILE A 78 1.53 -6.86 27.66
CA ILE A 78 0.35 -7.60 27.26
C ILE A 78 -0.03 -8.60 28.35
N VAL A 79 -1.30 -8.97 28.39
CA VAL A 79 -1.79 -10.03 29.25
C VAL A 79 -2.86 -10.76 28.45
N VAL A 80 -2.62 -12.04 28.14
CA VAL A 80 -3.47 -12.78 27.23
C VAL A 80 -3.93 -14.05 27.93
N ASN A 81 -5.21 -14.37 27.77
CA ASN A 81 -5.80 -15.59 28.29
C ASN A 81 -6.06 -16.50 27.09
N HIS A 82 -5.03 -17.24 26.69
CA HIS A 82 -5.09 -18.07 25.49
C HIS A 82 -5.33 -19.52 25.88
N THR A 83 -5.42 -20.37 24.87
CA THR A 83 -5.59 -21.80 25.10
C THR A 83 -4.48 -22.64 24.48
N GLY A 84 -3.60 -22.04 23.69
CA GLY A 84 -2.49 -22.76 23.11
C GLY A 84 -1.26 -21.88 23.12
N ARG A 85 -0.19 -22.35 22.49
CA ARG A 85 0.99 -21.51 22.33
C ARG A 85 0.66 -20.18 21.69
N LEU A 86 1.08 -19.09 22.33
CA LEU A 86 0.77 -17.74 21.85
C LEU A 86 2.00 -17.14 21.20
N THR A 87 2.00 -17.08 19.88
CA THR A 87 3.12 -16.55 19.12
C THR A 87 2.93 -15.06 18.91
N TRP A 88 4.00 -14.29 19.00
CA TRP A 88 3.97 -12.86 18.77
C TRP A 88 5.06 -12.46 17.79
N VAL A 89 4.72 -11.62 16.83
CA VAL A 89 5.68 -11.15 15.84
C VAL A 89 5.84 -9.64 15.98
N PRO A 90 6.97 -9.11 15.52
CA PRO A 90 7.26 -7.67 15.62
C PRO A 90 6.28 -6.84 14.80
N ASN A 91 6.55 -5.54 14.71
CA ASN A 91 5.62 -4.64 13.96
C ASN A 91 5.43 -5.14 12.52
N GLY A 92 6.50 -5.18 11.72
CA GLY A 92 6.35 -5.64 10.33
C GLY A 92 6.90 -7.03 10.13
N ALA A 93 6.02 -7.99 9.88
CA ALA A 93 6.41 -9.39 9.63
C ALA A 93 5.38 -10.05 8.72
N PRO A 94 5.72 -11.08 7.93
CA PRO A 94 4.73 -11.74 7.07
C PRO A 94 3.72 -12.48 7.95
N GLU A 95 2.43 -12.42 7.59
CA GLU A 95 1.39 -13.13 8.38
C GLU A 95 1.65 -14.63 8.26
N ALA A 96 2.55 -15.00 7.34
CA ALA A 96 2.92 -16.42 7.12
C ALA A 96 3.86 -16.94 8.21
N ALA A 97 4.71 -16.05 8.74
CA ALA A 97 5.69 -16.37 9.80
C ALA A 97 5.06 -16.15 11.18
N LEU A 98 3.73 -16.12 11.24
CA LEU A 98 2.99 -15.86 12.51
C LEU A 98 3.20 -16.94 13.57
N ASP A 99 3.34 -18.21 13.16
CA ASP A 99 3.46 -19.33 14.12
C ASP A 99 4.58 -20.29 13.70
N ASN A 100 5.82 -19.79 13.59
CA ASN A 100 6.97 -20.66 13.20
C ASN A 100 7.64 -21.20 14.47
N THR A 101 7.14 -20.77 15.65
CA THR A 101 7.68 -21.19 16.98
C THR A 101 9.15 -20.78 17.12
N SER A 102 9.52 -19.63 16.58
CA SER A 102 10.89 -19.06 16.67
C SER A 102 10.73 -17.61 17.14
N ASN A 103 9.53 -17.06 16.92
CA ASN A 103 9.14 -15.76 17.38
C ASN A 103 8.71 -15.96 18.83
N PRO A 104 8.78 -14.93 19.65
CA PRO A 104 8.50 -15.11 21.08
C PRO A 104 7.18 -15.86 21.09
N THR A 105 7.13 -16.94 21.87
CA THR A 105 6.00 -17.85 21.91
C THR A 105 5.89 -18.29 23.35
N ALA A 106 4.89 -17.79 24.06
CA ALA A 106 4.68 -18.14 25.45
C ALA A 106 3.83 -19.38 25.53
N TYR A 107 4.39 -20.43 26.15
CA TYR A 107 3.65 -21.71 26.27
C TYR A 107 2.47 -21.52 27.24
N HIS A 108 1.37 -22.22 27.01
CA HIS A 108 0.19 -22.00 27.87
C HIS A 108 0.55 -22.32 29.32
N LYS A 109 0.25 -21.37 30.22
CA LYS A 109 0.44 -21.56 31.69
C LYS A 109 -0.95 -21.66 32.32
N ALA A 110 -1.05 -21.93 33.62
CA ALA A 110 -2.42 -22.04 34.15
C ALA A 110 -3.10 -20.67 34.06
N PRO A 111 -2.44 -19.56 34.45
CA PRO A 111 -3.00 -18.22 34.35
C PRO A 111 -2.59 -17.54 33.03
N PHE A 112 -3.33 -16.49 32.64
CA PHE A 112 -3.07 -15.69 31.41
C PHE A 112 -1.58 -15.31 31.31
N THR A 113 -1.00 -15.46 30.11
CA THR A 113 0.43 -15.15 29.89
C THR A 113 0.61 -13.62 29.91
N ARG A 114 1.61 -13.12 30.63
CA ARG A 114 1.81 -11.68 30.75
C ARG A 114 3.19 -11.35 30.21
N LEU A 115 3.24 -10.68 29.06
CA LEU A 115 4.47 -10.32 28.40
C LEU A 115 4.70 -8.83 28.43
N ALA A 116 5.95 -8.43 28.21
CA ALA A 116 6.34 -7.03 28.06
C ALA A 116 7.06 -6.93 26.73
N LEU A 117 6.30 -6.71 25.68
CA LEU A 117 6.84 -6.58 24.33
C LEU A 117 7.13 -5.11 24.02
N PRO A 118 8.19 -4.82 23.30
CA PRO A 118 8.59 -3.43 23.09
C PRO A 118 7.79 -2.78 21.97
N TYR A 119 8.02 -1.49 21.80
CA TYR A 119 7.43 -0.72 20.71
C TYR A 119 8.33 -0.89 19.50
N THR A 120 7.81 -1.51 18.44
CA THR A 120 8.64 -1.96 17.34
C THR A 120 8.29 -1.36 15.99
N ALA A 121 7.32 -0.46 15.91
CA ALA A 121 6.95 0.12 14.62
C ALA A 121 8.10 1.03 14.20
N PRO A 122 8.35 1.18 12.89
CA PRO A 122 9.52 1.96 12.45
C PRO A 122 9.39 3.45 12.70
N HIS A 123 8.19 3.96 12.92
CA HIS A 123 7.97 5.40 12.95
C HIS A 123 8.48 6.02 14.24
N ARG A 124 8.65 7.34 14.20
CA ARG A 124 9.00 8.10 15.39
C ARG A 124 8.00 7.86 16.50
N VAL A 125 6.77 8.34 16.29
CA VAL A 125 5.68 8.18 17.24
C VAL A 125 4.43 7.85 16.45
N LEU A 126 3.70 6.83 16.89
CA LEU A 126 2.48 6.45 16.20
C LEU A 126 1.46 7.59 16.26
N ALA A 127 0.34 7.39 15.59
CA ALA A 127 -0.68 8.42 15.48
C ALA A 127 -2.05 7.81 15.71
N THR A 128 -2.89 8.53 16.45
CA THR A 128 -4.26 8.11 16.66
C THR A 128 -5.16 8.51 15.49
N VAL A 129 -4.87 9.62 14.84
CA VAL A 129 -5.58 10.05 13.65
C VAL A 129 -4.58 10.28 12.54
N TYR A 130 -4.79 9.70 11.36
CA TYR A 130 -3.76 9.83 10.30
C TYR A 130 -4.05 10.92 9.27
N ASN A 131 -5.31 11.08 8.84
CA ASN A 131 -5.65 12.11 7.81
C ASN A 131 -4.77 11.93 6.57
N GLY A 132 -4.65 10.69 6.07
CA GLY A 132 -3.80 10.41 4.91
C GLY A 132 -4.55 9.66 3.82
N ASN A 133 -4.34 10.04 2.56
CA ASN A 133 -4.98 9.37 1.40
C ASN A 133 -4.54 7.91 1.49
N SER A 134 -5.33 7.00 0.88
CA SER A 134 -5.07 5.55 0.88
C SER A 134 -3.71 5.29 0.21
N LYS A 135 -2.75 4.81 1.02
CA LYS A 135 -1.37 4.48 0.56
C LYS A 135 -1.31 3.78 -0.80
N TYR A 136 -0.56 4.36 -1.75
CA TYR A 136 -0.37 3.84 -3.12
C TYR A 136 -1.66 3.23 -3.68
N LEU A 153 -11.15 6.85 1.76
CA LEU A 153 -11.52 7.23 3.11
C LEU A 153 -10.32 7.59 3.97
N ALA A 154 -10.54 7.58 5.28
CA ALA A 154 -9.52 7.89 6.26
C ALA A 154 -9.55 6.84 7.36
N ALA A 155 -10.51 5.92 7.23
CA ALA A 155 -10.70 4.85 8.24
C ALA A 155 -9.31 4.26 8.45
N GLN A 156 -8.50 4.23 7.39
CA GLN A 156 -7.19 3.54 7.58
C GLN A 156 -5.89 4.11 8.13
N LEU A 157 -5.57 3.72 9.36
CA LEU A 157 -4.26 4.07 9.95
C LEU A 157 -3.25 3.16 9.23
N PRO A 158 -1.98 3.55 9.03
CA PRO A 158 -1.03 2.70 8.30
C PRO A 158 -0.82 1.33 8.98
N ALA A 159 -0.52 0.31 8.18
CA ALA A 159 -0.34 -1.08 8.67
C ALA A 159 0.76 -1.18 9.72
N SER A 160 1.75 -0.27 9.65
CA SER A 160 2.90 -0.23 10.59
C SER A 160 2.54 0.51 11.87
N PHE A 161 1.24 0.70 12.16
CA PHE A 161 0.82 1.41 13.39
C PHE A 161 0.56 0.42 14.53
N ASN A 162 0.75 -0.87 14.28
CA ASN A 162 0.50 -1.92 15.31
C ASN A 162 1.76 -2.19 16.14
N TYR A 163 1.62 -2.95 17.23
CA TYR A 163 2.74 -3.32 18.12
C TYR A 163 3.09 -4.79 17.86
N GLY A 164 2.60 -5.33 16.75
CA GLY A 164 2.86 -6.72 16.48
C GLY A 164 1.60 -7.52 16.69
N ALA A 165 1.53 -8.71 16.11
CA ALA A 165 0.38 -9.58 16.27
C ALA A 165 0.55 -10.87 17.05
N ILE A 166 -0.50 -11.31 17.71
CA ILE A 166 -0.48 -12.54 18.48
C ILE A 166 -1.44 -13.52 17.84
N ARG A 167 -1.04 -14.80 17.82
CA ARG A 167 -1.93 -15.85 17.32
C ARG A 167 -1.79 -17.07 18.21
N ALA A 168 -2.71 -17.20 19.15
CA ALA A 168 -2.93 -18.45 19.85
C ALA A 168 -4.18 -19.09 19.27
N THR A 169 -4.40 -20.36 19.60
CA THR A 169 -5.59 -21.03 19.09
C THR A 169 -6.94 -20.38 19.31
N GLU A 170 -7.28 -20.07 20.56
CA GLU A 170 -8.61 -19.55 20.93
C GLU A 170 -7.96 -18.56 21.92
N ILE A 171 -8.07 -17.26 21.64
CA ILE A 171 -7.56 -16.26 22.57
C ILE A 171 -8.89 -15.86 23.13
N GLN A 172 -8.96 -15.75 24.47
CA GLN A 172 -10.21 -15.44 25.16
C GLN A 172 -10.27 -14.01 25.69
N GLU A 173 -9.19 -13.52 26.29
CA GLU A 173 -9.15 -12.16 26.78
C GLU A 173 -7.81 -11.57 26.41
N LEU A 174 -7.79 -10.24 26.28
CA LEU A 174 -6.56 -9.54 25.92
C LEU A 174 -6.56 -8.22 26.63
N LEU A 175 -5.56 -7.98 27.47
CA LEU A 175 -5.39 -6.71 28.14
C LEU A 175 -4.09 -6.08 27.66
N VAL A 176 -4.00 -4.76 27.81
CA VAL A 176 -2.90 -4.00 27.24
C VAL A 176 -2.54 -2.87 28.19
N ARG A 177 -1.25 -2.67 28.41
CA ARG A 177 -0.74 -1.70 29.37
C ARG A 177 0.35 -0.89 28.70
N MET A 178 0.17 0.43 28.62
CA MET A 178 1.13 1.30 27.95
C MET A 178 2.15 1.77 28.98
N LYS A 179 3.33 1.18 28.96
CA LYS A 179 4.40 1.61 29.84
C LYS A 179 5.14 2.80 29.24
N ARG A 180 5.67 3.65 30.11
CA ARG A 180 6.37 4.89 29.76
C ARG A 180 5.72 5.74 28.68
N ALA A 181 4.39 5.72 28.60
CA ALA A 181 3.68 6.49 27.59
C ALA A 181 4.12 7.94 27.43
N GLU A 182 3.97 8.45 26.22
CA GLU A 182 4.25 9.84 25.89
C GLU A 182 3.21 10.29 24.89
N LEU A 183 2.39 11.27 25.26
CA LEU A 183 1.35 11.77 24.39
C LEU A 183 1.76 13.12 23.82
N TYR A 184 1.30 13.41 22.61
CA TYR A 184 1.61 14.67 21.94
C TYR A 184 0.36 15.20 21.29
N CYS A 185 0.31 16.53 21.11
CA CYS A 185 -0.78 17.26 20.41
C CYS A 185 -2.17 16.87 20.95
N PRO A 186 -2.59 17.37 22.14
CA PRO A 186 -3.88 17.02 22.71
C PRO A 186 -5.11 17.29 21.81
N ARG A 187 -6.11 16.43 21.92
CA ARG A 187 -7.38 16.52 21.22
C ARG A 187 -8.62 16.54 22.11
N PRO A 188 -9.80 16.70 21.52
CA PRO A 188 -11.03 16.71 22.33
C PRO A 188 -11.26 15.43 23.10
N LEU A 189 -11.73 15.57 24.34
CA LEU A 189 -11.95 14.46 25.26
C LEU A 189 -13.42 14.09 25.44
N LEU A 190 -14.35 15.04 25.26
CA LEU A 190 -15.74 14.77 24.99
C LEU A 190 -16.51 13.91 26.05
N ALA A 191 -16.59 14.44 27.26
CA ALA A 191 -17.46 13.92 28.26
C ALA A 191 -18.93 13.68 27.88
N VAL A 192 -19.55 12.69 28.55
CA VAL A 192 -20.90 12.25 28.18
C VAL A 192 -22.02 13.26 28.05
N LYS A 193 -22.75 13.15 26.93
CA LYS A 193 -23.86 14.05 26.56
C LYS A 193 -24.92 14.12 27.66
N VAL A 194 -25.32 15.34 28.05
CA VAL A 194 -26.37 15.56 29.07
C VAL A 194 -27.58 16.21 28.37
N THR A 195 -28.75 15.59 28.49
CA THR A 195 -29.98 16.12 27.83
C THR A 195 -31.06 16.37 28.87
N SER A 196 -31.67 17.57 28.84
CA SER A 196 -32.78 18.05 29.70
C SER A 196 -32.34 18.35 31.14
N GLN A 197 -31.82 17.36 31.86
CA GLN A 197 -31.40 17.53 33.28
C GLN A 197 -30.18 18.47 33.36
N ASP A 198 -30.07 19.21 34.47
CA ASP A 198 -28.94 20.15 34.69
C ASP A 198 -27.64 19.32 34.81
N ARG A 199 -27.64 18.33 35.71
CA ARG A 199 -26.49 17.47 35.91
C ARG A 199 -26.82 16.08 35.39
N HIS A 200 -25.76 15.26 35.21
CA HIS A 200 -25.98 13.95 34.62
C HIS A 200 -26.70 12.99 35.57
N LYS A 201 -26.53 13.17 36.88
CA LYS A 201 -27.26 12.40 37.89
C LYS A 201 -27.00 10.92 38.10
N GLN A 202 -25.80 10.44 37.80
CA GLN A 202 -25.46 9.05 38.05
C GLN A 202 -24.94 8.59 39.40
N ARG B 13 -1.16 48.56 16.94
CA ARG B 13 -0.12 47.57 17.17
C ARG B 13 0.25 46.88 15.86
N ILE B 14 1.08 47.53 15.07
CA ILE B 14 1.44 47.00 13.76
C ILE B 14 2.41 45.85 13.93
N LEU B 15 2.51 45.03 12.87
CA LEU B 15 3.37 43.86 12.90
C LEU B 15 3.68 43.49 11.46
N THR B 16 4.94 43.61 11.07
CA THR B 16 5.36 43.41 9.68
C THR B 16 6.03 42.05 9.54
N THR B 17 5.22 41.01 9.39
CA THR B 17 5.77 39.69 9.15
C THR B 17 6.22 39.59 7.70
N ARG B 18 7.36 38.94 7.50
CA ARG B 18 7.96 38.86 6.17
C ARG B 18 8.57 37.49 5.98
N ASN B 19 8.07 36.76 5.00
CA ASN B 19 8.58 35.44 4.64
C ASN B 19 9.23 35.55 3.27
N GLY B 20 10.53 35.28 3.20
CA GLY B 20 11.20 35.34 1.91
C GLY B 20 11.18 36.77 1.45
N HIS B 21 10.99 36.97 0.15
CA HIS B 21 10.91 38.30 -0.43
C HIS B 21 9.56 38.96 -0.44
N THR B 22 8.56 38.28 0.15
CA THR B 22 7.18 38.81 0.23
C THR B 22 6.86 39.09 1.70
N THR B 23 6.31 40.28 2.00
CA THR B 23 6.02 40.63 3.41
C THR B 23 4.55 41.04 3.56
N SER B 24 3.99 40.81 4.75
CA SER B 24 2.58 41.17 5.07
C SER B 24 2.58 42.12 6.28
N THR B 25 1.91 43.28 6.15
CA THR B 25 1.89 44.26 7.27
C THR B 25 0.44 44.50 7.72
N THR B 26 0.15 44.26 9.00
CA THR B 26 -1.17 44.48 9.53
C THR B 26 -1.08 45.45 10.70
N GLN B 27 -2.05 46.34 10.80
CA GLN B 27 -2.09 47.34 11.86
C GLN B 27 -3.06 47.00 12.96
N SER B 28 -3.65 45.80 12.93
CA SER B 28 -4.57 45.35 13.95
C SER B 28 -4.15 44.01 14.53
N SER B 29 -2.86 43.73 14.54
CA SER B 29 -2.37 42.47 15.07
C SER B 29 -2.77 42.27 16.52
N VAL B 30 -2.71 41.02 16.95
CA VAL B 30 -2.98 40.69 18.35
C VAL B 30 -1.91 39.70 18.81
N GLY B 31 -0.87 39.54 18.01
CA GLY B 31 0.26 38.69 18.34
C GLY B 31 0.28 37.43 17.51
N VAL B 32 1.43 36.77 17.55
CA VAL B 32 1.65 35.50 16.85
C VAL B 32 1.56 34.31 17.78
N THR B 33 0.78 33.31 17.39
CA THR B 33 0.57 32.11 18.26
C THR B 33 1.32 30.90 17.73
N TYR B 34 2.53 30.64 18.24
CA TYR B 34 3.32 29.45 17.82
C TYR B 34 2.60 28.22 18.36
N GLY B 35 2.45 27.16 17.56
CA GLY B 35 1.74 25.97 18.05
C GLY B 35 2.63 24.74 18.17
N TYR B 36 2.76 24.25 19.41
CA TYR B 36 3.47 23.01 19.86
C TYR B 36 4.99 23.18 19.95
N SER B 37 5.54 24.31 19.50
CA SER B 37 7.01 24.56 19.56
C SER B 37 7.31 26.04 19.33
N THR B 38 8.52 26.48 19.68
CA THR B 38 8.97 27.88 19.44
C THR B 38 9.99 27.83 18.29
N GLY B 39 10.37 26.60 17.92
CA GLY B 39 11.34 26.34 16.82
C GLY B 39 11.15 24.94 16.27
N GLU B 40 11.53 24.71 15.03
CA GLU B 40 11.38 23.36 14.41
C GLU B 40 12.44 22.40 14.98
N ASP B 41 12.16 21.10 14.91
CA ASP B 41 13.06 20.01 15.40
C ASP B 41 14.19 19.76 14.39
N HIS B 42 15.19 18.96 14.78
CA HIS B 42 16.36 18.71 13.89
C HIS B 42 15.85 18.17 12.54
N VAL B 43 16.34 18.77 11.45
CA VAL B 43 15.91 18.41 10.06
C VAL B 43 16.81 17.30 9.51
N SER B 44 17.85 16.92 10.26
CA SER B 44 18.76 15.86 9.80
C SER B 44 18.35 14.53 10.46
N GLY B 45 18.06 13.52 9.65
CA GLY B 45 17.60 12.21 10.18
C GLY B 45 18.35 11.06 9.55
N PRO B 46 18.35 9.86 10.17
CA PRO B 46 19.04 8.70 9.60
C PRO B 46 18.45 8.29 8.25
N ASN B 47 17.13 8.38 8.10
CA ASN B 47 16.44 7.98 6.84
C ASN B 47 16.93 8.82 5.66
N THR B 48 17.07 10.13 5.85
CA THR B 48 17.53 11.04 4.77
C THR B 48 18.97 10.72 4.35
N SER B 49 19.81 10.34 5.32
CA SER B 49 21.26 10.05 5.11
C SER B 49 21.98 11.31 4.61
N GLY B 50 21.58 12.48 5.12
CA GLY B 50 22.17 13.78 4.77
C GLY B 50 22.01 14.12 3.29
N LEU B 51 20.91 13.69 2.67
CA LEU B 51 20.65 13.98 1.23
C LEU B 51 19.57 15.07 1.13
N GLU B 52 19.12 15.60 2.28
CA GLU B 52 18.06 16.64 2.28
C GLU B 52 18.69 18.02 2.09
N THR B 53 18.18 18.79 1.12
CA THR B 53 18.71 20.16 0.85
C THR B 53 17.60 21.18 1.10
N ARG B 54 17.88 22.18 1.94
CA ARG B 54 16.89 23.23 2.28
C ARG B 54 16.64 24.13 1.06
N VAL B 55 15.38 24.51 0.83
CA VAL B 55 15.03 25.42 -0.31
C VAL B 55 14.53 26.74 0.28
N VAL B 56 15.20 27.85 -0.06
CA VAL B 56 14.81 29.18 0.49
C VAL B 56 13.87 29.92 -0.47
N GLN B 57 13.61 29.36 -1.65
CA GLN B 57 12.71 30.03 -2.63
C GLN B 57 11.26 29.59 -2.44
N ALA B 58 11.01 28.63 -1.55
CA ALA B 58 9.64 28.12 -1.32
C ALA B 58 8.96 28.84 -0.14
N GLU B 59 9.65 29.80 0.48
CA GLU B 59 9.10 30.51 1.68
C GLU B 59 8.23 31.70 1.26
N ARG B 60 8.12 31.97 -0.04
CA ARG B 60 7.28 33.11 -0.52
C ARG B 60 5.83 32.85 -0.11
N PHE B 61 5.12 33.90 0.34
CA PHE B 61 3.70 33.80 0.79
C PHE B 61 2.78 33.49 -0.40
N PHE B 62 1.67 32.78 -0.13
CA PHE B 62 0.65 32.47 -1.17
C PHE B 62 -0.73 32.78 -0.60
N LYS B 63 -1.61 33.40 -1.39
CA LYS B 63 -2.97 33.78 -0.91
C LYS B 63 -4.01 32.76 -1.38
N LYS B 64 -4.78 32.21 -0.43
CA LYS B 64 -5.86 31.23 -0.75
C LYS B 64 -7.19 31.74 -0.22
N HIS B 65 -8.23 31.75 -1.07
CA HIS B 65 -9.58 32.22 -0.67
C HIS B 65 -10.21 31.23 0.31
N LEU B 66 -11.02 31.73 1.26
CA LEU B 66 -11.73 30.90 2.27
C LEU B 66 -13.23 31.26 2.24
N PHE B 67 -14.06 30.47 2.91
CA PHE B 67 -15.53 30.66 2.90
C PHE B 67 -15.89 32.08 3.36
N ASP B 68 -16.84 32.70 2.64
CA ASP B 68 -17.32 34.07 3.00
C ASP B 68 -18.06 33.98 4.34
N TRP B 69 -17.81 34.93 5.24
CA TRP B 69 -18.46 34.92 6.58
C TRP B 69 -19.82 35.61 6.51
N THR B 70 -20.82 34.92 5.95
CA THR B 70 -22.20 35.49 5.86
C THR B 70 -22.85 35.49 7.26
N THR B 71 -23.79 36.42 7.47
CA THR B 71 -24.51 36.55 8.77
C THR B 71 -25.31 35.28 9.06
N ASP B 72 -25.91 34.70 8.03
CA ASP B 72 -26.77 33.49 8.14
C ASP B 72 -26.00 32.29 8.69
N LYS B 73 -24.71 32.17 8.39
CA LYS B 73 -23.94 30.97 8.84
C LYS B 73 -24.04 30.83 10.36
N PRO B 74 -24.37 29.63 10.87
CA PRO B 74 -24.50 29.35 12.31
C PRO B 74 -23.15 28.98 12.95
N PHE B 75 -23.10 28.98 14.29
CA PHE B 75 -21.87 28.60 15.04
C PHE B 75 -21.52 27.15 14.70
N GLY B 76 -20.22 26.86 14.55
CA GLY B 76 -19.76 25.49 14.24
C GLY B 76 -19.66 25.23 12.75
N HIS B 77 -19.81 26.26 11.92
CA HIS B 77 -19.70 26.06 10.45
C HIS B 77 -18.21 26.08 10.06
N ILE B 78 -17.50 24.99 10.34
CA ILE B 78 -16.03 24.87 10.07
C ILE B 78 -15.77 24.87 8.56
N GLU B 79 -14.71 25.56 8.14
CA GLU B 79 -14.29 25.64 6.71
C GLU B 79 -12.78 25.35 6.66
N LYS B 80 -12.39 24.08 6.87
CA LYS B 80 -10.97 23.66 6.89
C LYS B 80 -10.31 23.76 5.51
N LEU B 81 -9.01 24.02 5.50
CA LEU B 81 -8.20 24.07 4.26
C LEU B 81 -7.07 23.04 4.42
N GLU B 82 -6.94 22.09 3.49
CA GLU B 82 -5.89 21.05 3.62
C GLU B 82 -4.52 21.67 3.29
N LEU B 83 -3.52 21.42 4.15
CA LEU B 83 -2.14 21.93 3.94
C LEU B 83 -1.19 20.74 3.83
N PRO B 84 -0.33 20.64 2.79
CA PRO B 84 -0.22 21.65 1.74
C PRO B 84 -1.32 21.61 0.67
N THR B 85 -1.86 22.79 0.34
CA THR B 85 -2.91 22.95 -0.71
C THR B 85 -2.23 22.98 -2.08
N ASP B 86 -3.00 22.81 -3.16
CA ASP B 86 -2.37 22.81 -4.51
C ASP B 86 -1.64 24.14 -4.70
N HIS B 87 -0.38 24.08 -5.11
CA HIS B 87 0.48 25.28 -5.27
C HIS B 87 0.98 25.35 -6.72
N LYS B 88 0.77 26.48 -7.39
CA LYS B 88 1.24 26.66 -8.80
C LYS B 88 2.57 27.42 -8.79
N GLY B 89 3.06 27.77 -7.59
CA GLY B 89 4.32 28.52 -7.38
C GLY B 89 5.53 27.60 -7.29
N VAL B 90 6.66 28.17 -6.84
CA VAL B 90 7.95 27.43 -6.70
C VAL B 90 7.78 26.26 -5.73
N TYR B 91 7.02 26.47 -4.64
CA TYR B 91 6.80 25.40 -3.64
C TYR B 91 6.09 24.20 -4.30
N GLY B 92 5.12 24.48 -5.16
CA GLY B 92 4.38 23.43 -5.88
C GLY B 92 5.31 22.60 -6.75
N GLN B 93 6.28 23.27 -7.40
CA GLN B 93 7.27 22.58 -8.27
C GLN B 93 8.09 21.60 -7.42
N LEU B 94 8.46 22.01 -6.22
CA LEU B 94 9.29 21.16 -5.31
C LEU B 94 8.51 19.88 -4.97
N VAL B 95 7.21 19.99 -4.70
CA VAL B 95 6.40 18.79 -4.34
C VAL B 95 6.43 17.82 -5.52
N ASP B 96 6.28 18.34 -6.75
CA ASP B 96 6.29 17.49 -7.97
C ASP B 96 7.66 16.86 -8.19
N SER B 97 8.75 17.62 -8.00
CA SER B 97 10.12 17.12 -8.28
C SER B 97 10.79 16.47 -7.07
N PHE B 98 10.22 16.57 -5.86
CA PHE B 98 10.89 15.93 -4.69
C PHE B 98 9.94 14.97 -3.97
N ALA B 99 10.39 13.73 -3.77
CA ALA B 99 9.57 12.68 -3.11
C ALA B 99 9.25 13.01 -1.65
N TYR B 100 10.23 13.50 -0.89
CA TYR B 100 10.00 13.79 0.56
C TYR B 100 10.42 15.21 0.93
N MET B 101 9.57 15.94 1.67
CA MET B 101 9.90 17.30 2.12
C MET B 101 9.15 17.62 3.43
N ARG B 102 9.65 18.58 4.21
CA ARG B 102 9.01 18.99 5.49
C ARG B 102 9.07 20.52 5.62
N ASN B 103 8.04 21.14 6.20
CA ASN B 103 8.04 22.63 6.35
C ASN B 103 7.08 23.08 7.46
N GLY B 104 7.24 24.33 7.92
CA GLY B 104 6.37 24.93 8.96
C GLY B 104 5.16 25.56 8.29
N TRP B 105 3.96 25.26 8.77
CA TRP B 105 2.72 25.75 8.11
C TRP B 105 2.48 27.27 8.11
N ASP B 106 2.77 27.97 9.21
CA ASP B 106 2.71 29.47 9.28
C ASP B 106 1.42 30.04 8.68
N VAL B 107 0.25 29.47 9.00
CA VAL B 107 -1.00 29.96 8.36
C VAL B 107 -1.40 31.33 8.91
N GLU B 108 -1.72 32.26 8.01
CA GLU B 108 -2.20 33.61 8.43
C GLU B 108 -3.58 33.81 7.81
N VAL B 109 -4.61 34.07 8.63
CA VAL B 109 -5.98 34.27 8.11
C VAL B 109 -6.44 35.69 8.46
N SER B 110 -6.84 36.46 7.46
CA SER B 110 -7.31 37.86 7.71
C SER B 110 -8.70 38.05 7.11
N ALA B 111 -9.68 38.43 7.93
CA ALA B 111 -11.04 38.71 7.42
C ALA B 111 -11.32 40.20 7.58
N VAL B 112 -11.51 40.91 6.48
CA VAL B 112 -11.77 42.38 6.55
C VAL B 112 -13.17 42.57 7.15
N GLY B 113 -13.28 43.50 8.10
CA GLY B 113 -14.54 43.82 8.78
C GLY B 113 -14.66 45.32 8.98
N ASN B 114 -15.88 45.84 8.92
CA ASN B 114 -16.16 47.30 9.06
C ASN B 114 -15.83 47.83 10.46
N GLN B 115 -15.84 46.95 11.47
CA GLN B 115 -15.62 47.15 12.93
C GLN B 115 -16.88 47.67 13.62
N PHE B 116 -17.99 47.81 12.86
CA PHE B 116 -19.28 48.28 13.44
C PHE B 116 -20.19 47.04 13.46
N ASN B 117 -19.67 45.91 12.97
CA ASN B 117 -20.39 44.61 12.96
C ASN B 117 -19.67 43.69 13.95
N GLY B 118 -20.41 43.10 14.89
CA GLY B 118 -19.77 42.25 15.92
C GLY B 118 -20.01 40.77 15.71
N GLY B 119 -18.93 40.01 15.60
CA GLY B 119 -18.99 38.54 15.45
C GLY B 119 -17.68 37.93 15.93
N CYS B 120 -17.67 36.63 16.23
CA CYS B 120 -16.40 36.00 16.68
C CYS B 120 -16.09 34.82 15.75
N LEU B 121 -14.90 34.84 15.15
CA LEU B 121 -14.46 33.74 14.24
C LEU B 121 -13.19 33.13 14.82
N LEU B 122 -13.13 31.81 14.96
CA LEU B 122 -11.92 31.18 15.54
C LEU B 122 -11.17 30.43 14.44
N VAL B 123 -9.89 30.79 14.24
CA VAL B 123 -9.04 30.11 13.22
C VAL B 123 -8.00 29.29 13.98
N ALA B 124 -7.98 27.98 13.75
CA ALA B 124 -7.03 27.09 14.46
C ALA B 124 -6.39 26.13 13.45
N MET B 125 -5.12 25.79 13.65
CA MET B 125 -4.46 24.81 12.76
C MET B 125 -4.55 23.45 13.47
N VAL B 126 -5.26 22.49 12.86
CA VAL B 126 -5.45 21.16 13.50
C VAL B 126 -4.54 20.14 12.79
N PRO B 127 -3.57 19.53 13.48
CA PRO B 127 -2.72 18.52 12.86
C PRO B 127 -3.57 17.27 12.68
N GLU B 128 -3.40 16.55 11.55
CA GLU B 128 -4.14 15.29 11.30
C GLU B 128 -5.64 15.52 11.48
N PHE B 129 -6.19 16.55 10.83
CA PHE B 129 -7.62 16.91 10.99
C PHE B 129 -8.54 15.74 10.63
N LYS B 130 -9.57 15.54 11.46
CA LYS B 130 -10.61 14.49 11.30
C LYS B 130 -11.96 15.20 11.36
N GLU B 131 -12.95 14.78 10.58
CA GLU B 131 -14.25 15.48 10.60
C GLU B 131 -14.82 15.42 12.02
N PHE B 132 -15.24 16.56 12.56
CA PHE B 132 -15.79 16.64 13.93
C PHE B 132 -17.23 16.11 13.99
N THR B 133 -17.66 15.68 15.18
CA THR B 133 -19.01 15.11 15.41
C THR B 133 -19.98 16.22 15.84
N THR B 134 -19.46 17.46 15.93
CA THR B 134 -20.13 18.74 16.32
C THR B 134 -20.18 18.90 17.85
N ARG B 135 -19.68 17.90 18.59
CA ARG B 135 -19.60 17.98 20.07
C ARG B 135 -18.16 18.33 20.45
N GLU B 136 -17.23 18.16 19.50
CA GLU B 136 -15.78 18.46 19.73
C GLU B 136 -15.50 19.90 19.30
N LYS B 137 -16.50 20.57 18.72
CA LYS B 137 -16.34 21.98 18.27
C LYS B 137 -16.09 22.89 19.49
N TYR B 138 -16.74 22.59 20.61
CA TYR B 138 -16.52 23.33 21.88
C TYR B 138 -15.09 23.10 22.37
N GLN B 139 -14.60 21.87 22.19
CA GLN B 139 -13.24 21.45 22.64
C GLN B 139 -12.21 21.64 21.52
N LEU B 140 -12.59 22.33 20.43
CA LEU B 140 -11.71 22.61 19.26
C LEU B 140 -10.64 23.66 19.57
N THR B 141 -10.75 24.38 20.70
CA THR B 141 -9.77 25.42 21.13
C THR B 141 -8.44 24.82 21.60
N LEU B 142 -8.35 23.49 21.84
CA LEU B 142 -7.09 22.85 22.30
C LEU B 142 -6.18 22.52 21.09
N PHE B 143 -5.74 23.54 20.37
CA PHE B 143 -4.86 23.49 19.17
C PHE B 143 -4.18 24.86 19.02
N PRO B 144 -3.13 25.04 18.19
CA PRO B 144 -2.55 26.36 18.02
C PRO B 144 -3.71 27.14 17.38
N HIS B 145 -4.08 28.28 17.96
CA HIS B 145 -5.26 29.01 17.40
C HIS B 145 -5.27 30.48 17.80
N GLN B 146 -6.07 31.26 17.08
CA GLN B 146 -6.26 32.72 17.34
C GLN B 146 -7.72 33.07 17.04
N PHE B 147 -8.24 34.16 17.62
CA PHE B 147 -9.66 34.53 17.38
C PHE B 147 -9.71 35.78 16.50
N ILE B 148 -10.48 35.74 15.40
CA ILE B 148 -10.61 36.92 14.51
C ILE B 148 -11.92 37.62 14.88
N SER B 149 -11.83 38.85 15.39
CA SER B 149 -13.03 39.63 15.76
C SER B 149 -12.93 41.02 15.12
N PRO B 150 -13.99 41.53 14.44
CA PRO B 150 -13.93 42.85 13.81
C PRO B 150 -13.67 43.96 14.86
N ARG B 151 -14.27 43.81 16.04
CA ARG B 151 -14.10 44.78 17.14
C ARG B 151 -12.63 44.88 17.55
N THR B 152 -11.90 43.76 17.60
CA THR B 152 -10.48 43.81 18.05
C THR B 152 -9.48 43.67 16.89
N ASN B 153 -9.23 42.45 16.41
CA ASN B 153 -8.22 42.25 15.32
C ASN B 153 -8.84 41.54 14.12
N MET B 154 -8.69 42.14 12.93
CA MET B 154 -9.24 41.57 11.67
C MET B 154 -8.29 40.51 11.10
N THR B 155 -7.06 40.40 11.64
CA THR B 155 -6.06 39.43 11.11
C THR B 155 -5.55 38.50 12.22
N ALA B 156 -5.52 37.19 11.97
CA ALA B 156 -5.01 36.20 12.94
C ALA B 156 -3.76 35.53 12.35
N HIS B 157 -2.66 35.52 13.09
CA HIS B 157 -1.39 34.92 12.60
C HIS B 157 -1.04 33.71 13.47
N ILE B 158 -0.87 32.53 12.86
CA ILE B 158 -0.50 31.29 13.60
C ILE B 158 0.72 30.65 12.94
N THR B 159 1.75 30.33 13.74
CA THR B 159 2.95 29.65 13.20
C THR B 159 3.05 28.27 13.86
N VAL B 160 3.10 27.20 13.07
CA VAL B 160 3.14 25.82 13.62
C VAL B 160 4.36 25.08 13.07
N PRO B 161 5.20 24.44 13.92
CA PRO B 161 6.36 23.69 13.45
C PRO B 161 5.83 22.42 12.79
N TYR B 162 6.49 21.93 11.73
CA TYR B 162 6.01 20.71 11.06
C TYR B 162 6.15 19.51 12.00
N LEU B 163 5.07 18.76 12.20
CA LEU B 163 5.10 17.54 13.06
C LEU B 163 4.43 16.39 12.30
N GLY B 164 5.06 15.22 12.30
CA GLY B 164 4.51 14.04 11.60
C GLY B 164 5.06 12.76 12.18
N VAL B 165 4.46 11.61 11.81
CA VAL B 165 4.92 10.28 12.28
C VAL B 165 6.34 10.06 11.76
N ASN B 166 6.60 10.44 10.51
CA ASN B 166 7.95 10.29 9.88
C ASN B 166 8.60 11.68 9.78
N ARG B 167 9.94 11.73 9.78
CA ARG B 167 10.64 13.04 9.68
C ARG B 167 10.28 13.71 8.36
N TYR B 168 10.22 12.94 7.27
CA TYR B 168 9.84 13.48 5.95
C TYR B 168 8.59 12.73 5.48
N ASP B 169 7.53 13.47 5.12
CA ASP B 169 6.26 12.84 4.68
C ASP B 169 5.96 13.25 3.24
N GLN B 170 5.63 12.29 2.38
CA GLN B 170 5.27 12.64 0.99
C GLN B 170 3.95 13.40 1.08
N TYR B 171 3.90 14.61 0.52
CA TYR B 171 2.68 15.47 0.62
C TYR B 171 1.49 14.88 -0.13
N ASN B 172 1.71 14.25 -1.29
CA ASN B 172 0.56 13.71 -2.07
C ASN B 172 -0.17 12.64 -1.26
N LYS B 173 0.57 11.71 -0.65
CA LYS B 173 -0.05 10.61 0.13
C LYS B 173 -0.73 11.13 1.40
N HIS B 174 -0.08 12.03 2.15
CA HIS B 174 -0.68 12.52 3.42
C HIS B 174 -0.30 13.98 3.69
N LYS B 175 -1.21 14.76 4.29
CA LYS B 175 -0.94 16.18 4.63
C LYS B 175 -1.07 16.36 6.15
N PRO B 176 0.01 16.73 6.87
CA PRO B 176 -0.03 16.88 8.33
C PRO B 176 -0.88 18.01 8.94
N TRP B 177 -0.87 19.19 8.33
CA TRP B 177 -1.59 20.37 8.91
C TRP B 177 -2.72 20.84 8.01
N THR B 178 -3.91 21.04 8.59
CA THR B 178 -5.07 21.58 7.82
C THR B 178 -5.59 22.82 8.57
N LEU B 179 -5.75 23.95 7.87
CA LEU B 179 -6.24 25.20 8.52
C LEU B 179 -7.77 25.11 8.63
N VAL B 180 -8.31 25.32 9.84
CA VAL B 180 -9.79 25.27 10.04
C VAL B 180 -10.27 26.59 10.65
N VAL B 181 -11.30 27.20 10.05
CA VAL B 181 -11.88 28.46 10.57
C VAL B 181 -13.30 28.14 11.04
N MET B 182 -13.62 28.46 12.30
CA MET B 182 -14.96 28.14 12.87
C MET B 182 -15.66 29.42 13.34
N VAL B 183 -16.96 29.52 13.06
CA VAL B 183 -17.77 30.71 13.47
C VAL B 183 -18.22 30.49 14.91
N VAL B 184 -17.37 30.86 15.88
CA VAL B 184 -17.71 30.68 17.32
C VAL B 184 -18.95 31.51 17.64
N SER B 185 -19.03 32.73 17.12
CA SER B 185 -20.21 33.61 17.32
C SER B 185 -20.77 33.99 15.95
N PRO B 186 -22.08 33.83 15.67
CA PRO B 186 -22.63 34.18 14.36
C PRO B 186 -22.40 35.68 14.10
N LEU B 187 -21.98 36.03 12.89
CA LEU B 187 -21.71 37.45 12.55
C LEU B 187 -23.01 38.25 12.64
N THR B 188 -22.94 39.42 13.26
CA THR B 188 -24.10 40.34 13.37
C THR B 188 -23.77 41.57 12.54
N THR B 189 -24.60 41.91 11.54
CA THR B 189 -24.25 43.05 10.66
C THR B 189 -25.11 44.28 10.96
N SER B 190 -24.45 45.38 11.34
CA SER B 190 -25.11 46.69 11.57
C SER B 190 -25.27 47.39 10.21
N SER B 191 -26.06 48.47 10.16
CA SER B 191 -26.24 49.16 8.85
C SER B 191 -24.87 49.66 8.35
N ILE B 192 -24.08 50.24 9.25
CA ILE B 192 -22.71 50.76 8.91
C ILE B 192 -21.77 49.60 8.55
N GLY B 193 -21.86 48.48 9.26
CA GLY B 193 -20.94 47.33 9.09
C GLY B 193 -21.07 46.56 7.77
N ALA B 194 -20.02 45.81 7.42
CA ALA B 194 -19.95 44.96 6.25
C ALA B 194 -21.11 43.98 6.26
N SER B 195 -21.76 43.80 5.12
CA SER B 195 -22.89 42.89 5.01
C SER B 195 -22.45 41.47 4.74
N GLN B 196 -21.17 41.27 4.45
CA GLN B 196 -20.59 39.96 4.19
C GLN B 196 -19.11 40.19 4.40
N ILE B 197 -18.44 39.22 5.00
CA ILE B 197 -17.04 39.35 5.37
C ILE B 197 -16.38 38.18 4.66
N LYS B 198 -15.77 38.44 3.50
CA LYS B 198 -14.96 37.41 2.88
C LYS B 198 -13.75 37.12 3.76
N VAL B 199 -13.13 35.96 3.54
CA VAL B 199 -11.99 35.53 4.33
C VAL B 199 -10.90 35.02 3.40
N TYR B 200 -9.67 35.44 3.64
CA TYR B 200 -8.51 35.05 2.85
C TYR B 200 -7.40 34.59 3.78
N THR B 201 -6.37 33.97 3.21
CA THR B 201 -5.25 33.47 3.98
C THR B 201 -3.93 33.86 3.33
N ASN B 202 -2.87 33.86 4.12
CA ASN B 202 -1.50 34.10 3.66
C ASN B 202 -0.64 32.99 4.25
N ILE B 203 -0.55 31.87 3.60
CA ILE B 203 0.22 30.77 4.13
C ILE B 203 1.65 30.89 3.59
N ALA B 204 2.61 30.42 4.36
CA ALA B 204 3.98 30.51 3.87
C ALA B 204 4.54 29.21 4.43
N PRO B 205 5.50 28.58 3.76
CA PRO B 205 6.02 27.29 4.24
C PRO B 205 7.33 27.80 4.80
N THR B 206 7.68 27.30 5.98
CA THR B 206 8.89 27.73 6.66
C THR B 206 9.80 26.55 6.89
N HIS B 207 11.10 26.75 6.68
CA HIS B 207 12.11 25.71 6.79
C HIS B 207 11.92 24.52 5.86
N VAL B 208 11.64 24.84 4.59
CA VAL B 208 11.38 23.82 3.59
C VAL B 208 12.62 23.00 3.25
N HIS B 209 12.61 21.74 3.65
CA HIS B 209 13.66 20.79 3.30
C HIS B 209 13.09 19.77 2.34
N VAL B 210 13.90 19.34 1.37
CA VAL B 210 13.48 18.35 0.40
C VAL B 210 14.55 17.28 0.30
N ALA B 211 14.14 16.09 -0.11
CA ALA B 211 15.07 15.00 -0.35
C ALA B 211 14.48 14.10 -1.42
N GLY B 212 15.31 13.22 -1.95
CA GLY B 212 14.81 12.25 -2.90
C GLY B 212 14.40 12.67 -4.30
N GLU B 213 15.24 13.45 -4.97
CA GLU B 213 14.96 13.90 -6.33
C GLU B 213 14.34 12.93 -7.33
N LEU B 214 13.19 13.32 -7.87
CA LEU B 214 12.41 12.48 -8.76
C LEU B 214 12.77 12.61 -10.23
N PRO B 215 12.43 11.60 -11.04
CA PRO B 215 12.62 11.74 -12.49
C PRO B 215 11.72 12.82 -13.05
N SER B 216 11.94 13.14 -14.32
CA SER B 216 11.40 14.37 -14.89
C SER B 216 10.43 14.08 -16.02
N LYS B 217 9.59 15.07 -16.29
CA LYS B 217 8.76 15.15 -17.48
C LYS B 217 9.04 16.44 -18.23
N GLU B 218 10.03 16.38 -19.12
CA GLU B 218 10.40 17.53 -19.94
C GLU B 218 11.17 17.09 -21.18
N GLY C 1 10.28 -17.00 61.04
CA GLY C 1 9.53 -17.73 60.04
C GLY C 1 10.18 -17.68 58.68
N ILE C 2 9.69 -18.52 57.77
CA ILE C 2 10.23 -18.58 56.41
C ILE C 2 9.82 -17.32 55.66
N VAL C 3 10.43 -17.09 54.50
CA VAL C 3 10.18 -15.87 53.73
C VAL C 3 8.83 -16.00 53.02
N PRO C 4 7.96 -15.00 53.11
CA PRO C 4 6.68 -15.00 52.37
C PRO C 4 6.81 -14.49 50.94
N VAL C 5 7.13 -15.43 50.05
CA VAL C 5 7.40 -15.15 48.60
C VAL C 5 6.19 -14.49 47.92
N ALA C 6 4.97 -14.97 48.17
CA ALA C 6 3.75 -14.43 47.51
C ALA C 6 3.99 -14.35 45.99
N CYS C 7 4.17 -15.50 45.34
CA CYS C 7 4.47 -15.56 43.89
C CYS C 7 3.31 -14.98 43.08
N SER C 8 3.63 -14.16 42.07
CA SER C 8 2.61 -13.52 41.19
C SER C 8 2.02 -14.56 40.24
N ASP C 9 0.69 -14.57 40.11
CA ASP C 9 -0.03 -15.51 39.22
C ASP C 9 0.36 -15.24 37.76
N GLY C 10 0.43 -13.97 37.39
CA GLY C 10 0.29 -13.54 35.98
C GLY C 10 1.39 -14.05 35.08
N TYR C 11 2.64 -14.06 35.55
CA TYR C 11 3.81 -14.43 34.69
C TYR C 11 4.65 -15.54 35.35
N GLY C 12 5.63 -16.04 34.61
CA GLY C 12 6.51 -17.13 35.10
C GLY C 12 6.52 -18.33 34.17
N GLY C 13 5.81 -18.26 33.03
CA GLY C 13 5.78 -19.36 32.05
C GLY C 13 6.93 -19.28 31.06
N LEU C 14 6.98 -20.20 30.09
CA LEU C 14 8.04 -20.20 29.08
C LEU C 14 7.83 -19.36 27.82
N VAL C 15 8.54 -18.26 27.73
CA VAL C 15 8.68 -17.55 26.47
C VAL C 15 9.85 -18.17 25.74
N THR C 16 9.70 -18.33 24.42
CA THR C 16 10.75 -19.02 23.67
C THR C 16 12.05 -18.23 23.67
N THR C 17 11.97 -16.92 23.52
CA THR C 17 13.15 -16.07 23.44
C THR C 17 13.47 -15.29 24.72
N ASP C 18 13.05 -15.80 25.88
CA ASP C 18 13.36 -15.15 27.14
C ASP C 18 14.83 -15.15 27.51
N PRO C 19 15.28 -14.16 28.26
CA PRO C 19 16.69 -14.10 28.66
C PRO C 19 17.30 -15.01 29.74
N LYS C 20 16.50 -15.92 30.26
CA LYS C 20 16.96 -16.87 31.25
C LYS C 20 17.98 -17.97 30.94
N THR C 21 18.38 -18.68 31.98
CA THR C 21 19.39 -19.72 31.86
C THR C 21 18.81 -21.03 32.37
N ALA C 22 19.18 -22.13 31.73
CA ALA C 22 18.71 -23.43 32.17
C ALA C 22 19.44 -23.86 33.44
N ASP C 23 19.02 -24.98 33.99
CA ASP C 23 19.62 -25.47 35.22
C ASP C 23 20.65 -26.54 34.92
N PRO C 24 21.89 -26.37 35.36
CA PRO C 24 23.03 -27.19 34.92
C PRO C 24 22.76 -28.54 35.60
N ALA C 25 22.72 -29.58 34.77
CA ALA C 25 22.43 -30.95 35.26
C ALA C 25 23.67 -31.83 35.10
N TYR C 26 24.67 -31.36 34.34
CA TYR C 26 25.91 -32.15 34.12
C TYR C 26 27.12 -31.36 34.65
N GLY C 27 27.99 -32.07 35.38
CA GLY C 27 29.20 -31.47 35.99
C GLY C 27 30.28 -31.13 34.98
N MET C 28 31.24 -30.31 35.40
CA MET C 28 31.99 -29.40 34.49
C MET C 28 32.71 -30.23 33.42
N VAL C 29 32.62 -29.79 32.16
CA VAL C 29 33.27 -30.49 31.01
C VAL C 29 34.13 -29.46 30.28
N TYR C 30 35.41 -29.78 30.08
CA TYR C 30 36.35 -28.88 29.41
C TYR C 30 36.44 -29.27 27.96
N ASN C 31 35.70 -28.58 27.10
CA ASN C 31 35.64 -28.92 25.70
C ASN C 31 37.00 -28.73 25.05
N PRO C 32 37.26 -29.41 23.93
CA PRO C 32 38.55 -29.28 23.25
C PRO C 32 38.83 -27.84 22.89
N PRO C 33 40.09 -27.43 22.92
CA PRO C 33 40.42 -26.02 22.70
C PRO C 33 40.41 -25.65 21.23
N ARG C 34 39.80 -24.50 20.93
CA ARG C 34 39.77 -23.93 19.59
C ARG C 34 40.19 -22.47 19.69
N THR C 35 41.49 -22.23 19.73
CA THR C 35 42.01 -20.87 19.78
C THR C 35 42.31 -20.40 18.37
N ASN C 36 41.93 -19.16 18.09
CA ASN C 36 42.03 -18.54 16.77
C ASN C 36 41.61 -19.38 15.56
N TYR C 37 40.59 -20.21 15.74
CA TYR C 37 40.15 -21.05 14.66
C TYR C 37 39.84 -20.17 13.46
N PRO C 38 40.23 -20.57 12.25
CA PRO C 38 40.09 -19.66 11.10
C PRO C 38 38.64 -19.55 10.65
N GLY C 39 38.23 -18.30 10.38
CA GLY C 39 37.00 -18.04 9.67
C GLY C 39 35.82 -17.66 10.52
N ARG C 40 36.04 -17.25 11.76
CA ARG C 40 34.94 -16.88 12.64
C ARG C 40 34.28 -15.56 12.29
N PHE C 41 32.96 -15.57 12.17
CA PHE C 41 32.18 -14.36 11.97
C PHE C 41 31.20 -14.19 13.12
N THR C 42 31.15 -13.00 13.70
CA THR C 42 30.29 -12.77 14.84
C THR C 42 28.95 -12.17 14.42
N ASN C 43 28.97 -11.11 13.62
CA ASN C 43 27.74 -10.44 13.21
C ASN C 43 27.47 -10.78 11.75
N LEU C 44 26.23 -11.12 11.45
CA LEU C 44 25.86 -11.50 10.09
C LEU C 44 26.01 -10.36 9.10
N LEU C 45 26.15 -9.11 9.54
CA LEU C 45 26.32 -8.02 8.61
C LEU C 45 27.78 -7.76 8.29
N ASP C 46 28.64 -8.14 9.24
CA ASP C 46 30.11 -8.00 9.07
C ASP C 46 30.59 -9.09 8.10
N VAL C 47 29.71 -10.06 7.80
CA VAL C 47 29.98 -11.15 6.83
C VAL C 47 29.30 -10.77 5.52
N ALA C 48 28.07 -10.27 5.62
CA ALA C 48 27.24 -9.87 4.45
C ALA C 48 27.91 -8.69 3.72
N GLU C 49 28.44 -7.72 4.46
CA GLU C 49 29.07 -6.53 3.85
C GLU C 49 30.52 -6.85 3.50
N ALA C 50 31.02 -7.99 3.98
CA ALA C 50 32.40 -8.39 3.69
C ALA C 50 32.51 -9.04 2.31
N CYS C 51 31.53 -9.85 1.92
CA CYS C 51 31.58 -10.62 0.68
C CYS C 51 30.29 -10.44 -0.09
N PRO C 52 30.29 -9.67 -1.18
CA PRO C 52 29.06 -9.48 -1.95
C PRO C 52 28.74 -10.69 -2.82
N THR C 53 27.46 -10.82 -3.14
CA THR C 53 26.96 -11.91 -3.95
C THR C 53 26.12 -11.35 -5.09
N PHE C 54 25.92 -12.16 -6.12
CA PHE C 54 25.32 -11.66 -7.34
C PHE C 54 23.81 -11.58 -7.23
N LEU C 55 23.21 -10.88 -8.19
CA LEU C 55 21.76 -10.79 -8.33
C LEU C 55 21.28 -11.77 -9.38
N CYS C 56 19.98 -12.02 -9.38
CA CYS C 56 19.36 -12.79 -10.44
C CYS C 56 18.75 -11.84 -11.47
N PHE C 57 18.92 -12.18 -12.73
CA PHE C 57 18.43 -11.34 -13.82
C PHE C 57 17.72 -12.24 -14.81
N ASP C 58 17.31 -11.66 -15.94
CA ASP C 58 16.59 -12.44 -16.94
C ASP C 58 17.24 -13.79 -17.21
N ASP C 59 16.42 -14.83 -17.27
CA ASP C 59 16.84 -16.21 -17.47
C ASP C 59 17.83 -16.60 -16.39
N GLY C 60 17.66 -16.08 -15.17
CA GLY C 60 18.53 -16.48 -14.08
C GLY C 60 20.03 -16.38 -14.23
N LYS C 61 20.53 -15.30 -14.71
CA LYS C 61 21.95 -15.06 -14.88
C LYS C 61 22.41 -13.91 -14.00
N PRO C 62 23.65 -13.94 -13.50
CA PRO C 62 24.08 -12.86 -12.62
C PRO C 62 24.38 -11.57 -13.34
N TYR C 63 24.80 -11.64 -14.59
CA TYR C 63 25.15 -10.45 -15.36
C TYR C 63 23.93 -9.94 -16.10
N VAL C 64 24.05 -8.71 -16.60
CA VAL C 64 23.01 -8.10 -17.41
C VAL C 64 23.65 -7.72 -18.73
N VAL C 65 23.39 -8.52 -19.76
CA VAL C 65 24.11 -8.38 -21.03
C VAL C 65 23.63 -7.13 -21.75
N THR C 66 24.45 -6.68 -22.70
CA THR C 66 24.13 -5.49 -23.46
C THR C 66 22.88 -5.70 -24.30
N ARG C 67 22.00 -4.69 -24.30
CA ARG C 67 20.77 -4.75 -25.05
C ARG C 67 21.04 -5.01 -26.53
N ALA C 68 20.05 -5.57 -27.20
CA ALA C 68 20.18 -5.93 -28.61
C ALA C 68 19.75 -4.81 -29.54
N ASP C 69 19.19 -3.73 -29.04
CA ASP C 69 18.65 -2.68 -29.88
C ASP C 69 18.73 -1.36 -29.10
N GLU C 70 18.17 -0.30 -29.67
CA GLU C 70 18.21 1.00 -29.08
C GLU C 70 17.95 0.99 -27.55
N GLN C 71 17.13 0.04 -27.08
CA GLN C 71 16.74 -0.13 -25.65
C GLN C 71 18.00 0.08 -24.79
N ARG C 72 17.99 1.11 -23.93
CA ARG C 72 19.16 1.48 -23.09
C ARG C 72 18.94 0.94 -21.68
N LEU C 73 17.69 0.67 -21.29
CA LEU C 73 17.42 0.17 -19.94
C LEU C 73 17.81 -1.30 -19.89
N LEU C 74 18.97 -1.57 -19.29
CA LEU C 74 19.46 -2.93 -19.16
C LEU C 74 18.64 -3.76 -18.20
N ALA C 75 18.42 -3.27 -16.98
CA ALA C 75 17.61 -3.98 -16.00
C ALA C 75 17.23 -3.03 -14.89
N LYS C 76 16.08 -3.28 -14.29
CA LYS C 76 15.56 -2.46 -13.21
C LYS C 76 14.94 -3.37 -12.16
N PHE C 77 14.93 -2.93 -10.92
CA PHE C 77 14.31 -3.72 -9.87
C PHE C 77 13.89 -2.82 -8.71
N ASP C 78 12.96 -3.30 -7.92
CA ASP C 78 12.55 -2.56 -6.74
C ASP C 78 13.65 -2.65 -5.68
N LEU C 79 13.70 -1.64 -4.83
CA LEU C 79 14.72 -1.62 -3.81
C LEU C 79 14.49 -2.64 -2.71
N SER C 80 13.27 -3.13 -2.55
CA SER C 80 12.97 -4.06 -1.47
C SER C 80 13.90 -5.26 -1.52
N LEU C 81 14.36 -5.69 -0.35
CA LEU C 81 15.21 -6.87 -0.27
C LEU C 81 14.49 -8.13 -0.70
N ALA C 82 13.18 -8.11 -0.82
CA ALA C 82 12.43 -9.25 -1.31
C ALA C 82 12.20 -9.18 -2.82
N ALA C 83 12.97 -8.38 -3.54
CA ALA C 83 12.79 -8.26 -4.97
C ALA C 83 13.14 -9.57 -5.66
N LYS C 84 12.70 -9.69 -6.92
CA LYS C 84 13.01 -10.90 -7.67
C LYS C 84 14.49 -10.97 -8.00
N HIS C 85 15.10 -9.83 -8.30
CA HIS C 85 16.51 -9.82 -8.65
C HIS C 85 17.38 -10.18 -7.47
N MET C 86 16.97 -9.82 -6.26
CA MET C 86 17.73 -10.12 -5.05
C MET C 86 17.33 -11.42 -4.37
N SER C 87 16.54 -12.26 -5.02
CA SER C 87 16.15 -13.50 -4.37
C SER C 87 17.25 -14.49 -4.04
N ASN C 88 18.38 -14.43 -4.73
CA ASN C 88 19.44 -15.40 -4.54
C ASN C 88 20.64 -14.84 -3.79
N THR C 89 20.60 -13.59 -3.36
CA THR C 89 21.74 -12.99 -2.71
C THR C 89 21.74 -13.29 -1.22
N TYR C 90 22.94 -13.29 -0.63
CA TYR C 90 23.07 -13.55 0.80
C TYR C 90 22.50 -12.41 1.62
N LEU C 91 22.58 -11.18 1.11
CA LEU C 91 22.02 -10.05 1.84
C LEU C 91 20.54 -10.22 2.06
N SER C 92 19.80 -10.52 1.01
CA SER C 92 18.38 -10.80 1.17
C SER C 92 18.15 -12.12 1.89
N GLY C 93 19.09 -13.06 1.79
CA GLY C 93 18.96 -14.29 2.53
C GLY C 93 18.91 -14.07 4.03
N ILE C 94 19.75 -13.18 4.53
CA ILE C 94 19.73 -12.90 5.96
C ILE C 94 18.67 -11.87 6.30
N ALA C 95 18.32 -10.99 5.36
CA ALA C 95 17.22 -10.08 5.60
C ALA C 95 15.87 -10.79 5.56
N GLN C 96 15.85 -12.05 5.17
CA GLN C 96 14.61 -12.82 5.23
C GLN C 96 14.10 -12.94 6.66
N TYR C 97 15.00 -13.22 7.60
CA TYR C 97 14.63 -13.46 8.99
C TYR C 97 14.33 -12.22 9.81
N TYR C 98 14.77 -11.05 9.36
CA TYR C 98 14.44 -9.81 10.04
C TYR C 98 13.24 -9.00 9.59
N ALA C 99 12.61 -8.32 10.56
CA ALA C 99 11.35 -7.65 10.27
C ALA C 99 11.56 -6.42 9.41
N GLN C 100 12.50 -5.55 9.79
CA GLN C 100 12.70 -4.32 9.04
C GLN C 100 14.17 -3.94 9.05
N TYR C 101 14.63 -3.38 7.94
CA TYR C 101 16.02 -3.02 7.71
C TYR C 101 16.18 -1.51 7.68
N SER C 102 17.44 -1.06 7.60
CA SER C 102 17.72 0.35 7.41
C SER C 102 19.17 0.67 7.05
N GLY C 103 19.36 1.46 6.00
CA GLY C 103 20.53 2.31 5.95
C GLY C 103 20.91 1.88 4.54
N THR C 104 22.18 1.93 4.13
CA THR C 104 22.55 1.49 2.79
C THR C 104 22.73 0.14 2.12
N ILE C 105 22.86 0.10 0.81
CA ILE C 105 22.95 -1.15 0.08
C ILE C 105 23.89 -0.85 -1.08
N ASN C 106 25.09 -1.44 -1.06
CA ASN C 106 26.07 -1.20 -2.09
C ASN C 106 25.86 -2.18 -3.24
N LEU C 107 25.87 -1.65 -4.46
CA LEU C 107 25.82 -2.46 -5.67
C LEU C 107 27.21 -2.48 -6.29
N HIS C 108 27.64 -3.66 -6.73
CA HIS C 108 28.95 -3.84 -7.34
C HIS C 108 28.76 -4.29 -8.78
N PHE C 109 29.15 -3.44 -9.73
CA PHE C 109 29.14 -3.80 -11.14
C PHE C 109 30.57 -3.96 -11.62
N MET C 110 30.90 -5.12 -12.19
CA MET C 110 32.20 -5.32 -12.79
C MET C 110 32.03 -5.75 -14.23
N PHE C 111 32.49 -4.91 -15.15
CA PHE C 111 32.39 -5.19 -16.57
C PHE C 111 33.30 -6.35 -16.92
N THR C 112 32.71 -7.42 -17.45
CA THR C 112 33.46 -8.61 -17.86
C THR C 112 33.41 -8.69 -19.37
N GLY C 113 34.31 -7.96 -20.03
CA GLY C 113 34.31 -7.92 -21.48
C GLY C 113 35.73 -7.83 -21.98
N SER C 114 35.88 -7.95 -23.29
CA SER C 114 37.18 -7.94 -23.91
C SER C 114 37.83 -6.58 -23.76
N THR C 115 39.09 -6.48 -24.20
CA THR C 115 39.78 -5.20 -24.18
C THR C 115 39.34 -4.33 -25.35
N ASP C 116 38.85 -4.96 -26.41
CA ASP C 116 38.45 -4.19 -27.59
C ASP C 116 37.07 -3.56 -27.44
N SER C 117 36.35 -3.86 -26.37
CA SER C 117 34.97 -3.42 -26.22
C SER C 117 34.83 -2.56 -24.97
N LYS C 118 34.70 -1.26 -25.18
CA LYS C 118 34.38 -0.35 -24.08
C LYS C 118 32.88 -0.18 -23.95
N ALA C 119 32.45 0.38 -22.82
CA ALA C 119 31.05 0.70 -22.62
C ALA C 119 30.93 1.70 -21.48
N ARG C 120 29.83 2.45 -21.47
CA ARG C 120 29.63 3.51 -20.48
C ARG C 120 28.25 3.36 -19.89
N TYR C 121 28.17 3.01 -18.61
CA TYR C 121 26.93 2.63 -17.96
C TYR C 121 26.46 3.73 -17.02
N MET C 122 25.25 3.55 -16.50
CA MET C 122 24.68 4.51 -15.57
C MET C 122 23.63 3.82 -14.72
N VAL C 123 23.75 3.94 -13.40
CA VAL C 123 22.77 3.43 -12.45
C VAL C 123 22.13 4.61 -11.75
N ALA C 124 20.82 4.55 -11.57
CA ALA C 124 20.06 5.68 -11.04
C ALA C 124 19.05 5.18 -10.02
N TYR C 125 19.14 5.69 -8.79
CA TYR C 125 18.20 5.32 -7.75
C TYR C 125 16.96 6.18 -7.84
N VAL C 126 15.88 5.61 -8.39
CA VAL C 126 14.58 6.33 -8.59
C VAL C 126 13.71 6.16 -7.35
N PRO C 127 13.43 7.29 -6.48
CA PRO C 127 12.55 7.65 -5.07
C PRO C 127 11.14 7.10 -5.28
N PRO C 128 10.35 6.57 -4.19
CA PRO C 128 8.80 5.90 -3.95
C PRO C 128 7.71 6.82 -4.53
N GLY C 129 6.58 6.25 -4.96
CA GLY C 129 5.45 7.04 -5.48
C GLY C 129 5.60 7.46 -6.95
N VAL C 130 6.60 6.93 -7.65
CA VAL C 130 6.79 7.31 -9.10
C VAL C 130 7.03 6.04 -9.92
N THR C 131 6.79 6.12 -11.23
CA THR C 131 7.01 4.97 -12.16
C THR C 131 8.39 5.12 -12.80
N THR C 132 9.23 4.09 -12.71
CA THR C 132 10.62 4.12 -13.22
C THR C 132 10.66 4.27 -14.75
N PRO C 133 11.46 5.39 -15.35
CA PRO C 133 11.84 5.89 -16.67
C PRO C 133 12.43 4.78 -17.51
N PRO C 134 12.19 4.81 -18.94
CA PRO C 134 12.60 3.96 -20.35
C PRO C 134 13.86 4.43 -21.08
N ASP C 135 14.15 5.74 -21.06
CA ASP C 135 15.35 6.29 -21.72
C ASP C 135 16.19 6.74 -20.52
N THR C 136 17.51 6.76 -20.68
CA THR C 136 18.48 7.19 -19.63
C THR C 136 18.36 8.68 -19.29
N PRO C 137 18.11 9.59 -20.27
CA PRO C 137 18.02 11.03 -19.99
C PRO C 137 16.94 11.37 -18.94
N GLU C 138 15.81 10.67 -18.98
CA GLU C 138 14.71 10.88 -17.99
C GLU C 138 15.30 10.88 -16.59
N ARG C 139 16.33 10.07 -16.33
CA ARG C 139 17.00 10.07 -15.02
C ARG C 139 18.30 10.88 -14.81
N ALA C 140 18.77 11.61 -15.83
CA ALA C 140 20.02 12.33 -15.65
C ALA C 140 19.80 13.59 -14.83
N ALA C 141 20.76 13.87 -13.92
CA ALA C 141 20.72 15.01 -12.98
C ALA C 141 19.28 15.08 -12.45
N HIS C 142 18.78 13.88 -12.11
CA HIS C 142 17.49 13.55 -11.44
C HIS C 142 17.82 12.42 -10.45
N CYS C 143 17.13 12.36 -9.31
CA CYS C 143 17.37 11.36 -8.23
C CYS C 143 18.77 11.42 -7.60
N ILE C 144 19.44 10.27 -7.46
CA ILE C 144 20.82 10.24 -6.90
C ILE C 144 21.27 9.17 -7.90
N HIS C 145 22.39 9.38 -8.59
CA HIS C 145 22.84 8.39 -9.60
C HIS C 145 24.32 8.58 -9.94
N ALA C 146 24.88 7.64 -10.70
CA ALA C 146 26.26 7.68 -11.15
C ALA C 146 26.50 7.18 -12.55
N GLU C 147 27.75 7.35 -13.00
CA GLU C 147 28.18 6.91 -14.31
C GLU C 147 29.62 6.46 -14.22
N TRP C 148 29.94 5.35 -14.86
CA TRP C 148 31.31 4.88 -14.90
C TRP C 148 31.61 4.38 -16.29
N ASP C 149 32.84 4.67 -16.75
CA ASP C 149 33.30 4.23 -18.10
C ASP C 149 34.27 3.06 -17.88
N THR C 150 33.98 1.91 -18.48
CA THR C 150 34.86 0.73 -18.27
C THR C 150 36.27 1.09 -18.74
N GLY C 151 37.27 0.82 -17.90
CA GLY C 151 38.68 1.14 -18.22
C GLY C 151 39.60 0.03 -17.77
N LEU C 152 40.56 0.34 -16.90
CA LEU C 152 41.50 -0.73 -16.43
C LEU C 152 40.87 -1.41 -15.21
N ASN C 153 40.30 -0.63 -14.29
CA ASN C 153 39.60 -1.19 -13.10
C ASN C 153 38.16 -1.47 -13.54
N SER C 154 37.74 -2.74 -13.55
CA SER C 154 36.39 -3.01 -14.05
C SER C 154 35.32 -2.71 -13.01
N LYS C 155 35.58 -3.02 -11.74
CA LYS C 155 34.57 -2.90 -10.71
C LYS C 155 34.12 -1.45 -10.54
N PHE C 156 32.85 -1.26 -10.20
CA PHE C 156 32.36 0.05 -9.79
C PHE C 156 31.28 -0.15 -8.74
N THR C 157 31.42 0.54 -7.62
CA THR C 157 30.54 0.39 -6.47
C THR C 157 29.64 1.62 -6.34
N PHE C 158 28.33 1.40 -6.29
CA PHE C 158 27.37 2.47 -6.12
C PHE C 158 26.57 2.21 -4.85
N SER C 159 26.67 3.11 -3.88
CA SER C 159 26.02 2.93 -2.59
C SER C 159 24.61 3.49 -2.66
N ILE C 160 23.64 2.62 -2.88
CA ILE C 160 22.23 3.03 -2.95
C ILE C 160 21.82 3.62 -1.62
N PRO C 161 21.46 4.90 -1.56
CA PRO C 161 21.18 5.53 -0.27
C PRO C 161 19.91 4.99 0.36
N TYR C 162 19.68 5.43 1.59
CA TYR C 162 18.46 5.11 2.30
C TYR C 162 17.69 6.40 2.50
N VAL C 163 16.77 6.67 1.58
CA VAL C 163 15.90 7.83 1.66
C VAL C 163 14.49 7.31 1.83
N SER C 164 13.90 7.55 3.00
CA SER C 164 12.52 7.17 3.23
C SER C 164 11.95 8.03 4.34
N ALA C 165 10.63 7.97 4.48
CA ALA C 165 9.98 8.68 5.57
C ALA C 165 10.31 8.04 6.91
N ALA C 166 9.94 6.78 7.09
CA ALA C 166 10.16 6.08 8.34
C ALA C 166 11.63 5.76 8.54
N ASP C 167 12.06 5.74 9.81
CA ASP C 167 13.46 5.50 10.09
C ASP C 167 13.88 4.08 9.70
N TYR C 168 12.94 3.14 9.65
CA TYR C 168 13.20 1.79 9.18
C TYR C 168 12.17 1.43 8.14
N ALA C 169 12.47 0.45 7.32
CA ALA C 169 11.59 0.05 6.24
C ALA C 169 11.48 -1.45 6.20
N TYR C 170 10.27 -1.95 6.00
CA TYR C 170 10.02 -3.39 5.98
C TYR C 170 10.77 -4.10 4.87
N THR C 171 11.38 -5.23 5.21
CA THR C 171 12.12 -6.01 4.23
C THR C 171 11.30 -6.79 3.23
N ALA C 172 10.28 -7.50 3.74
CA ALA C 172 9.35 -8.27 2.88
C ALA C 172 8.24 -7.34 2.42
N SER C 173 8.36 -6.81 1.20
CA SER C 173 7.36 -5.86 0.63
C SER C 173 6.03 -6.56 0.39
N ASP C 174 4.96 -6.08 1.03
CA ASP C 174 3.60 -6.67 0.83
C ASP C 174 2.71 -5.77 0.05
N VAL C 175 2.68 -6.04 -1.27
CA VAL C 175 2.04 -5.33 -2.44
C VAL C 175 2.55 -3.87 -2.31
N ALA C 176 1.71 -2.80 -2.17
CA ALA C 176 2.00 -1.40 -2.54
C ALA C 176 2.24 -1.24 -4.04
N ASP C 177 1.29 -1.76 -4.83
CA ASP C 177 1.33 -1.71 -6.32
C ASP C 177 2.54 -2.37 -6.96
N THR C 178 3.19 -1.64 -7.87
CA THR C 178 4.41 -2.12 -8.57
C THR C 178 5.56 -1.94 -7.58
N THR C 179 5.59 -0.74 -6.99
CA THR C 179 6.65 -0.25 -6.06
C THR C 179 6.53 -0.87 -4.67
N ASN C 180 7.68 -1.03 -4.02
CA ASN C 180 7.81 -1.49 -2.61
C ASN C 180 7.84 -0.25 -1.70
N VAL C 181 8.19 -0.41 -0.43
CA VAL C 181 8.23 0.78 0.46
C VAL C 181 9.28 1.76 -0.12
N GLN C 182 10.45 1.26 -0.52
CA GLN C 182 11.52 2.07 -1.16
C GLN C 182 11.28 2.14 -2.67
N GLY C 183 12.07 2.95 -3.38
CA GLY C 183 11.94 3.13 -4.84
C GLY C 183 12.66 2.07 -5.67
N TRP C 184 12.82 2.32 -6.97
CA TRP C 184 13.48 1.34 -7.88
C TRP C 184 14.96 1.68 -8.04
N VAL C 185 15.72 0.80 -8.68
CA VAL C 185 17.11 1.07 -9.03
C VAL C 185 17.34 0.50 -10.42
N CYS C 186 17.61 1.37 -11.39
CA CYS C 186 17.73 0.94 -12.77
C CYS C 186 19.14 1.16 -13.27
N ILE C 187 19.53 0.35 -14.25
CA ILE C 187 20.90 0.32 -14.76
C ILE C 187 20.81 0.56 -16.26
N TYR C 188 21.41 1.65 -16.72
CA TYR C 188 21.36 2.03 -18.12
C TYR C 188 22.72 1.88 -18.77
N GLN C 189 22.71 1.57 -20.05
CA GLN C 189 23.92 1.51 -20.85
C GLN C 189 23.84 2.66 -21.84
N ILE C 190 24.43 3.79 -21.46
CA ILE C 190 24.19 5.00 -22.24
C ILE C 190 24.89 4.93 -23.59
N THR C 191 25.94 4.10 -23.68
CA THR C 191 26.72 3.96 -24.94
C THR C 191 27.66 2.77 -24.80
N HIS C 192 27.54 1.78 -25.67
CA HIS C 192 28.44 0.59 -25.61
C HIS C 192 29.41 0.67 -26.78
N GLY C 193 30.71 0.73 -26.48
CA GLY C 193 31.73 0.66 -27.54
C GLY C 193 31.95 -0.77 -27.97
N LYS C 194 31.34 -1.15 -29.11
CA LYS C 194 31.44 -2.52 -29.67
C LYS C 194 31.19 -3.50 -28.53
N ALA C 195 30.45 -3.05 -27.52
CA ALA C 195 30.18 -3.86 -26.30
C ALA C 195 28.94 -4.75 -26.43
N GLU C 196 28.79 -5.44 -27.56
CA GLU C 196 27.74 -6.48 -27.70
C GLU C 196 28.30 -7.78 -27.11
N GLN C 197 27.42 -8.72 -26.73
CA GLN C 197 27.72 -10.01 -26.09
C GLN C 197 28.86 -9.79 -25.10
N ASP C 198 28.79 -8.72 -24.33
CA ASP C 198 29.78 -8.40 -23.32
C ASP C 198 29.00 -7.93 -22.11
N THR C 199 29.25 -8.55 -20.98
CA THR C 199 28.34 -8.54 -19.85
C THR C 199 28.79 -7.57 -18.78
N LEU C 200 27.91 -7.38 -17.79
CA LEU C 200 28.19 -6.55 -16.63
C LEU C 200 27.65 -7.32 -15.41
N VAL C 201 28.55 -8.01 -14.72
CA VAL C 201 28.16 -8.79 -13.55
C VAL C 201 27.78 -7.85 -12.42
N VAL C 202 26.57 -8.00 -11.91
CA VAL C 202 26.05 -7.13 -10.85
C VAL C 202 26.00 -7.92 -9.55
N SER C 203 26.67 -7.42 -8.55
CA SER C 203 26.65 -7.98 -7.20
C SER C 203 25.92 -7.04 -6.27
N VAL C 204 25.79 -7.44 -5.01
CA VAL C 204 25.13 -6.62 -4.01
C VAL C 204 25.71 -6.94 -2.65
N SER C 205 25.82 -5.92 -1.80
CA SER C 205 26.41 -6.07 -0.49
C SER C 205 25.59 -5.28 0.52
N ALA C 206 26.07 -5.24 1.75
CA ALA C 206 25.49 -4.39 2.76
C ALA C 206 26.27 -3.09 2.82
N GLY C 207 25.60 -2.02 3.17
CA GLY C 207 26.23 -0.72 3.19
C GLY C 207 27.23 -0.61 4.33
N LYS C 208 27.90 0.54 4.37
CA LYS C 208 28.77 0.83 5.49
C LYS C 208 27.99 0.95 6.78
N ASP C 209 26.68 1.18 6.69
CA ASP C 209 25.83 1.42 7.84
C ASP C 209 24.54 0.64 7.76
N PHE C 210 24.46 -0.37 6.91
CA PHE C 210 23.26 -1.19 6.79
C PHE C 210 23.04 -1.93 8.09
N GLU C 211 21.80 -1.93 8.57
CA GLU C 211 21.47 -2.64 9.78
C GLU C 211 20.09 -3.28 9.64
N LEU C 212 19.96 -4.47 10.19
CA LEU C 212 18.67 -5.14 10.28
C LEU C 212 18.29 -5.22 11.75
N ARG C 213 17.01 -5.45 12.00
CA ARG C 213 16.55 -5.46 13.37
C ARG C 213 15.24 -6.23 13.46
N LEU C 214 14.85 -6.54 14.70
CA LEU C 214 13.64 -7.30 14.98
C LEU C 214 13.61 -8.70 14.41
N PRO C 215 14.57 -9.56 14.70
CA PRO C 215 14.54 -10.92 14.17
C PRO C 215 13.18 -11.60 14.18
N ILE C 216 12.91 -12.39 13.14
CA ILE C 216 11.63 -13.05 12.97
C ILE C 216 11.90 -14.37 12.27
N ASP C 217 10.88 -15.21 12.17
CA ASP C 217 11.03 -16.56 11.61
C ASP C 217 9.86 -16.89 10.71
N PRO C 218 9.92 -16.49 9.44
CA PRO C 218 8.93 -16.93 8.48
C PRO C 218 9.39 -18.18 7.73
N ARG C 219 8.42 -18.90 7.18
CA ARG C 219 8.76 -20.06 6.37
C ARG C 219 9.56 -19.42 5.24
N ALA C 220 10.79 -19.89 5.03
CA ALA C 220 11.65 -19.30 4.01
C ALA C 220 11.66 -20.31 2.88
N SER D 15 26.31 -10.73 26.98
CA SER D 15 26.75 -11.81 26.09
C SER D 15 25.74 -12.05 24.98
N GLY D 16 25.05 -13.18 25.05
CA GLY D 16 24.02 -13.50 24.08
C GLY D 16 22.71 -12.85 24.42
N ASN D 17 21.61 -13.54 24.08
CA ASN D 17 20.30 -13.09 24.46
C ASN D 17 20.02 -12.72 25.93
N THR D 18 20.79 -13.36 26.81
CA THR D 18 20.67 -13.26 28.29
C THR D 18 20.62 -11.82 28.84
N GLY D 19 19.50 -11.46 29.48
CA GLY D 19 19.30 -10.12 30.07
C GLY D 19 19.39 -10.13 31.59
N SER D 20 19.77 -11.26 32.20
CA SER D 20 19.85 -11.35 33.69
C SER D 20 20.90 -10.37 34.22
N ILE D 21 20.61 -9.71 35.35
CA ILE D 21 21.53 -8.70 35.94
C ILE D 21 21.63 -9.26 37.37
N ILE D 22 22.53 -10.21 37.60
CA ILE D 22 22.78 -10.80 38.91
C ILE D 22 23.96 -11.72 38.71
N ASN D 23 24.76 -11.90 39.75
CA ASN D 23 25.70 -13.02 39.73
C ASN D 23 24.89 -14.30 39.72
N ASN D 24 24.97 -15.06 38.62
CA ASN D 24 24.15 -16.25 38.45
C ASN D 24 24.34 -17.20 39.62
N TYR D 25 23.30 -17.99 39.90
CA TYR D 25 23.34 -18.88 41.06
C TYR D 25 24.45 -19.92 40.93
N TYR D 26 24.35 -20.78 39.93
CA TYR D 26 25.31 -21.86 39.78
C TYR D 26 26.63 -21.35 39.25
N MET D 27 27.70 -22.04 39.60
CA MET D 27 29.02 -21.65 39.12
C MET D 27 29.07 -21.74 37.59
N GLN D 28 30.05 -21.06 37.01
CA GLN D 28 30.25 -21.16 35.58
C GLN D 28 30.58 -22.59 35.18
N GLN D 29 31.31 -23.30 36.04
CA GLN D 29 31.73 -24.66 35.72
C GLN D 29 30.54 -25.59 35.53
N TYR D 30 29.48 -25.37 36.30
CA TYR D 30 28.29 -26.21 36.20
C TYR D 30 27.23 -25.63 35.29
N GLN D 31 27.27 -24.33 35.02
CA GLN D 31 26.34 -23.78 34.04
C GLN D 31 26.79 -24.08 32.61
N ASN D 32 27.96 -23.59 32.24
CA ASN D 32 28.49 -23.81 30.90
C ASN D 32 29.71 -24.72 30.97
N SER D 33 30.11 -25.21 29.80
CA SER D 33 31.29 -26.06 29.72
C SER D 33 32.49 -25.13 29.59
N MET D 34 33.49 -25.32 30.45
CA MET D 34 34.67 -24.46 30.42
C MET D 34 35.53 -24.56 29.16
N ASP D 35 36.28 -23.51 28.86
CA ASP D 35 37.12 -23.49 27.67
C ASP D 35 38.61 -23.61 27.90
N THR D 36 39.24 -24.54 27.19
CA THR D 36 40.69 -24.66 27.21
C THR D 36 41.29 -23.77 26.14
N GLN D 37 42.58 -23.48 26.29
CA GLN D 37 43.26 -22.61 25.35
C GLN D 37 44.64 -23.18 25.06
N LEU D 38 45.24 -22.70 23.97
CA LEU D 38 46.54 -23.16 23.52
C LEU D 38 47.51 -21.99 23.47
N GLY D 39 48.74 -22.21 23.90
CA GLY D 39 49.75 -21.17 23.88
C GLY D 39 51.04 -21.58 24.57
N ASN D 65 41.73 -12.64 15.95
CA ASN D 65 40.56 -13.45 15.63
C ASN D 65 39.47 -12.57 15.02
N ASP D 66 38.29 -13.16 14.81
CA ASP D 66 37.14 -12.47 14.23
C ASP D 66 37.32 -12.00 12.79
N TRP D 67 37.87 -12.91 11.99
CA TRP D 67 38.29 -12.58 10.64
C TRP D 67 37.26 -11.85 9.79
N PHE D 68 35.99 -12.15 9.95
CA PHE D 68 35.02 -11.48 9.09
C PHE D 68 34.62 -10.11 9.60
N SER D 69 35.09 -9.71 10.77
CA SER D 69 35.08 -8.30 11.12
C SER D 69 36.36 -7.59 10.72
N LYS D 70 37.50 -8.29 10.77
CA LYS D 70 38.72 -7.70 10.21
C LYS D 70 38.58 -7.42 8.73
N LEU D 71 37.94 -8.33 7.99
CA LEU D 71 37.65 -8.08 6.58
C LEU D 71 36.81 -6.84 6.38
N ALA D 72 35.66 -6.77 7.07
CA ALA D 72 34.75 -5.65 6.86
C ALA D 72 35.38 -4.33 7.27
N SER D 73 36.25 -4.35 8.28
CA SER D 73 36.91 -3.11 8.66
C SER D 73 37.97 -2.71 7.63
N SER D 74 38.78 -3.67 7.20
CA SER D 74 39.81 -3.36 6.21
C SER D 74 39.39 -2.87 4.84
N ALA D 75 38.09 -2.90 4.56
CA ALA D 75 37.54 -2.44 3.29
C ALA D 75 37.79 -1.04 2.76
N PHE D 76 38.29 -0.96 1.54
CA PHE D 76 38.64 0.33 0.96
C PHE D 76 37.38 1.12 0.66
N THR D 77 37.15 2.18 1.43
CA THR D 77 36.07 3.11 1.16
C THR D 77 36.64 4.33 0.44
N GLY D 78 35.79 5.00 -0.32
CA GLY D 78 36.20 6.19 -1.04
C GLY D 78 36.50 5.91 -2.49
N LEU D 79 37.15 6.88 -3.11
CA LEU D 79 37.37 6.83 -4.55
C LEU D 79 38.80 6.44 -4.86
N PHE D 80 39.06 6.22 -6.16
CA PHE D 80 40.37 5.83 -6.65
C PHE D 80 41.08 6.93 -7.41
N GLY D 81 40.33 7.82 -8.07
CA GLY D 81 40.92 8.91 -8.81
C GLY D 81 40.74 10.25 -8.13
N ALA D 82 41.06 11.30 -8.87
CA ALA D 82 40.95 12.65 -8.35
C ALA D 82 39.51 13.15 -8.46
N LEU D 83 38.96 13.59 -7.34
CA LEU D 83 37.62 14.18 -7.31
C LEU D 83 37.60 15.48 -8.11
N LEU D 84 36.42 16.07 -8.20
CA LEU D 84 36.26 17.38 -8.80
C LEU D 84 34.88 17.94 -8.48
N GLN E 1 -22.84 -34.20 -29.22
CA GLN E 1 -23.27 -34.18 -30.62
C GLN E 1 -24.74 -33.87 -30.73
N VAL E 2 -25.15 -32.82 -30.04
CA VAL E 2 -26.57 -32.52 -29.90
C VAL E 2 -27.12 -31.99 -31.21
N GLN E 3 -28.36 -32.35 -31.52
CA GLN E 3 -28.92 -32.16 -32.87
C GLN E 3 -29.35 -30.71 -33.08
N LEU E 4 -28.57 -29.99 -33.87
CA LEU E 4 -28.82 -28.59 -34.22
C LEU E 4 -29.12 -28.45 -35.71
N ARG E 5 -29.81 -27.36 -36.04
CA ARG E 5 -30.18 -27.00 -37.41
C ARG E 5 -30.30 -25.49 -37.49
N GLU E 6 -29.82 -24.90 -38.59
CA GLU E 6 -30.04 -23.49 -38.90
C GLU E 6 -31.08 -23.35 -40.00
N SER E 7 -32.01 -22.43 -39.83
CA SER E 7 -33.19 -22.38 -40.68
C SER E 7 -33.65 -20.93 -40.84
N GLY E 8 -34.27 -20.66 -41.98
CA GLY E 8 -34.77 -19.35 -42.28
C GLY E 8 -34.77 -19.07 -43.77
N PRO E 9 -35.24 -17.88 -44.17
CA PRO E 9 -35.21 -17.51 -45.59
C PRO E 9 -33.81 -17.13 -46.05
N SER E 10 -33.45 -17.60 -47.24
CA SER E 10 -32.12 -17.43 -47.80
C SER E 10 -32.01 -16.19 -48.68
N LEU E 11 -32.82 -16.11 -49.72
CA LEU E 11 -32.83 -14.97 -50.64
C LEU E 11 -33.90 -14.00 -50.18
N VAL E 12 -33.46 -12.93 -49.48
CA VAL E 12 -34.37 -11.94 -48.93
C VAL E 12 -33.86 -10.55 -49.27
N LYS E 13 -34.68 -9.54 -48.97
CA LYS E 13 -34.39 -8.15 -49.26
C LYS E 13 -33.79 -7.45 -48.03
N PRO E 14 -32.99 -6.41 -48.24
CA PRO E 14 -32.44 -5.66 -47.11
C PRO E 14 -33.49 -4.79 -46.43
N SER E 15 -33.12 -4.15 -45.32
CA SER E 15 -33.97 -3.19 -44.63
C SER E 15 -35.26 -3.84 -44.14
N GLN E 16 -35.14 -4.99 -43.49
CA GLN E 16 -36.28 -5.66 -42.87
C GLN E 16 -35.81 -6.36 -41.59
N THR E 17 -36.77 -7.05 -40.94
CA THR E 17 -36.53 -7.72 -39.67
C THR E 17 -36.08 -9.15 -39.93
N LEU E 18 -34.80 -9.43 -39.64
CA LEU E 18 -34.19 -10.70 -40.03
C LEU E 18 -35.13 -11.57 -39.20
N SER E 19 -35.58 -12.68 -39.80
CA SER E 19 -36.57 -13.57 -39.17
C SER E 19 -35.94 -14.94 -39.47
N LEU E 20 -34.82 -15.20 -38.81
CA LEU E 20 -34.05 -16.41 -38.98
C LEU E 20 -34.08 -17.22 -37.68
N THR E 21 -34.34 -18.53 -37.79
CA THR E 21 -34.53 -19.40 -36.61
C THR E 21 -33.79 -20.72 -36.77
N CYS E 22 -33.53 -21.35 -35.63
CA CYS E 22 -32.81 -22.62 -35.56
C CYS E 22 -33.44 -23.63 -34.65
N THR E 23 -33.07 -24.90 -34.83
CA THR E 23 -33.53 -25.99 -33.97
C THR E 23 -32.30 -26.60 -33.29
N ALA E 24 -32.19 -26.42 -31.98
CA ALA E 24 -31.04 -26.90 -31.20
C ALA E 24 -31.57 -27.85 -30.12
N SER E 25 -31.47 -29.13 -30.38
CA SER E 25 -31.88 -30.14 -29.41
C SER E 25 -31.53 -31.02 -28.21
N GLY E 26 -30.23 -31.19 -27.95
CA GLY E 26 -29.79 -32.05 -26.88
C GLY E 26 -29.61 -31.14 -25.69
N LEU E 27 -29.03 -31.66 -24.61
CA LEU E 27 -28.93 -30.89 -23.37
C LEU E 27 -27.88 -29.79 -23.47
N SER E 28 -26.92 -29.94 -24.37
CA SER E 28 -25.86 -28.94 -24.52
C SER E 28 -26.35 -27.63 -25.11
N LEU E 29 -27.63 -27.54 -25.47
CA LEU E 29 -28.28 -26.29 -25.84
C LEU E 29 -29.56 -26.06 -25.06
N SER E 30 -29.81 -26.85 -24.02
CA SER E 30 -30.98 -26.74 -23.19
C SER E 30 -30.74 -26.49 -21.69
N ASP E 31 -29.49 -26.59 -21.24
CA ASP E 31 -29.13 -26.04 -19.95
C ASP E 31 -28.29 -24.86 -20.39
N LYS E 32 -27.52 -25.07 -21.47
CA LYS E 32 -26.88 -23.98 -22.17
C LYS E 32 -27.90 -23.34 -23.10
N ALA E 33 -27.68 -22.16 -23.70
CA ALA E 33 -28.85 -21.54 -24.41
C ALA E 33 -28.34 -21.56 -25.86
N VAL E 34 -29.27 -21.13 -26.72
CA VAL E 34 -29.21 -20.69 -28.11
C VAL E 34 -28.32 -19.58 -28.64
N GLY E 35 -27.64 -19.84 -29.76
CA GLY E 35 -26.64 -18.91 -30.26
C GLY E 35 -27.06 -18.31 -31.58
N TRP E 36 -26.77 -17.02 -31.72
CA TRP E 36 -27.11 -16.24 -32.89
C TRP E 36 -25.90 -15.52 -33.43
N VAL E 37 -25.45 -15.93 -34.63
CA VAL E 37 -24.34 -15.28 -35.33
C VAL E 37 -24.34 -15.51 -36.83
N ARG E 38 -23.48 -14.75 -37.51
CA ARG E 38 -23.35 -14.66 -38.97
C ARG E 38 -21.89 -14.26 -39.15
N ARG E 39 -21.38 -14.38 -40.38
CA ARG E 39 -20.21 -13.61 -40.78
C ARG E 39 -20.25 -12.71 -42.01
N ALA E 40 -19.73 -11.49 -41.87
CA ALA E 40 -19.75 -10.51 -42.95
C ALA E 40 -18.82 -10.93 -44.09
N PRO E 41 -18.99 -10.34 -45.27
CA PRO E 41 -18.17 -10.75 -46.43
C PRO E 41 -16.75 -10.20 -46.37
N THR E 42 -15.78 -11.10 -46.54
CA THR E 42 -14.36 -10.75 -46.55
C THR E 42 -14.00 -9.81 -45.40
N LYS E 43 -14.51 -10.16 -44.21
CA LYS E 43 -14.30 -9.35 -43.01
C LYS E 43 -13.87 -10.22 -41.83
N ALA E 44 -13.83 -9.62 -40.65
CA ALA E 44 -13.57 -10.36 -39.41
C ALA E 44 -14.88 -10.88 -38.83
N LEU E 45 -14.79 -11.54 -37.68
CA LEU E 45 -15.92 -12.24 -37.09
C LEU E 45 -17.10 -11.35 -36.70
N GLU E 46 -18.27 -11.98 -36.56
CA GLU E 46 -19.48 -11.25 -36.20
C GLU E 46 -20.28 -12.04 -35.17
N TRP E 47 -21.02 -11.32 -34.32
CA TRP E 47 -21.73 -11.88 -33.19
C TRP E 47 -23.06 -11.15 -32.96
N LEU E 48 -24.08 -11.91 -32.57
CA LEU E 48 -25.42 -11.40 -32.30
C LEU E 48 -25.88 -11.96 -30.96
N GLY E 49 -26.63 -11.16 -30.20
CA GLY E 49 -26.96 -11.53 -28.83
C GLY E 49 -27.80 -12.79 -28.72
N SER E 50 -27.94 -13.28 -27.47
CA SER E 50 -28.49 -14.61 -27.23
C SER E 50 -29.19 -14.69 -25.87
N ILE E 51 -29.96 -15.76 -25.69
CA ILE E 51 -30.87 -15.95 -24.56
C ILE E 51 -30.72 -17.35 -23.97
N ASP E 52 -30.64 -17.41 -22.64
CA ASP E 52 -30.62 -18.65 -21.88
C ASP E 52 -32.05 -19.07 -21.54
N THR E 53 -32.20 -19.98 -20.57
CA THR E 53 -33.52 -20.43 -20.17
C THR E 53 -34.27 -19.38 -19.35
N GLY E 54 -33.57 -18.42 -18.75
CA GLY E 54 -34.18 -17.43 -17.89
C GLY E 54 -35.10 -16.43 -18.55
N SER E 55 -35.17 -16.41 -19.88
CA SER E 55 -36.01 -15.51 -20.63
C SER E 55 -35.29 -14.16 -20.78
N SER E 56 -34.03 -14.09 -20.36
CA SER E 56 -33.25 -12.88 -20.38
C SER E 56 -32.52 -12.69 -21.71
N THR E 57 -33.10 -11.93 -22.62
CA THR E 57 -32.51 -11.61 -23.91
C THR E 57 -31.48 -10.50 -23.76
N GLY E 58 -30.52 -10.49 -24.68
CA GLY E 58 -29.49 -9.47 -24.71
C GLY E 58 -28.78 -9.53 -26.04
N TYR E 59 -28.31 -8.38 -26.50
CA TYR E 59 -27.78 -8.27 -27.86
C TYR E 59 -26.58 -7.32 -27.81
N ASN E 60 -25.70 -7.45 -28.80
CA ASN E 60 -24.68 -6.44 -29.05
C ASN E 60 -25.11 -5.02 -29.38
N PRO E 61 -24.62 -4.03 -28.64
CA PRO E 61 -25.11 -2.66 -28.78
C PRO E 61 -24.97 -2.10 -30.20
N GLY E 62 -24.06 -2.62 -31.01
CA GLY E 62 -23.89 -2.08 -32.35
C GLY E 62 -25.13 -1.83 -33.20
N LEU E 63 -26.16 -2.67 -33.05
CA LEU E 63 -27.38 -2.54 -33.83
C LEU E 63 -28.62 -2.53 -32.93
N LYS E 64 -28.47 -2.12 -31.67
CA LYS E 64 -29.51 -2.32 -30.66
C LYS E 64 -30.91 -1.93 -31.11
N SER E 65 -31.04 -0.87 -31.90
CA SER E 65 -32.37 -0.44 -32.34
C SER E 65 -32.97 -1.43 -33.34
N ARG E 66 -32.12 -2.18 -34.05
CA ARG E 66 -32.59 -3.13 -35.06
C ARG E 66 -32.12 -4.56 -34.75
N LEU E 67 -32.02 -4.89 -33.46
CA LEU E 67 -31.87 -6.26 -33.00
C LEU E 67 -32.87 -6.51 -31.89
N SER E 68 -33.50 -7.69 -31.92
CA SER E 68 -34.53 -8.10 -30.94
C SER E 68 -34.77 -9.62 -31.06
N ILE E 69 -34.76 -10.35 -29.94
CA ILE E 69 -34.94 -11.83 -29.99
C ILE E 69 -35.93 -12.30 -28.92
N THR E 70 -36.10 -13.63 -28.85
CA THR E 70 -36.97 -14.34 -27.91
C THR E 70 -36.40 -15.75 -27.81
N LYS E 71 -37.08 -16.61 -27.04
CA LYS E 71 -36.70 -18.02 -26.94
C LYS E 71 -37.93 -18.91 -26.87
N ASP E 72 -37.83 -20.08 -27.49
CA ASP E 72 -38.84 -21.13 -27.38
C ASP E 72 -38.15 -22.46 -27.15
N ASN E 73 -38.78 -23.30 -26.34
CA ASN E 73 -38.24 -24.59 -25.95
C ASN E 73 -39.04 -25.77 -26.45
N SER E 74 -40.36 -25.62 -26.61
CA SER E 74 -41.21 -26.75 -26.98
C SER E 74 -40.84 -27.27 -28.36
N ARG E 75 -40.92 -26.43 -29.38
CA ARG E 75 -40.63 -26.85 -30.74
C ARG E 75 -39.14 -26.92 -31.06
N ASN E 76 -38.28 -26.80 -30.05
CA ASN E 76 -36.83 -26.82 -30.21
C ASN E 76 -36.42 -25.77 -31.24
N GLN E 77 -37.09 -24.62 -31.23
CA GLN E 77 -36.90 -23.60 -32.25
C GLN E 77 -36.74 -22.33 -31.42
N VAL E 78 -35.83 -21.46 -31.84
CA VAL E 78 -35.68 -20.15 -31.24
C VAL E 78 -35.73 -19.13 -32.36
N SER E 79 -36.09 -17.89 -32.03
CA SER E 79 -36.33 -16.85 -33.02
C SER E 79 -35.30 -15.73 -32.90
N LEU E 80 -34.97 -15.15 -34.05
CA LEU E 80 -34.09 -13.99 -34.17
C LEU E 80 -34.84 -12.92 -34.97
N THR E 81 -34.73 -11.67 -34.55
CA THR E 81 -35.39 -10.56 -35.25
C THR E 81 -34.42 -9.39 -35.34
N ILE E 82 -33.92 -9.11 -36.54
CA ILE E 82 -32.93 -8.06 -36.78
C ILE E 82 -33.49 -7.17 -37.88
N THR E 83 -33.85 -5.94 -37.52
CA THR E 83 -34.49 -4.99 -38.42
C THR E 83 -33.45 -4.25 -39.25
N SER E 84 -33.92 -3.61 -40.34
CA SER E 84 -33.15 -2.61 -41.08
C SER E 84 -31.75 -3.01 -41.57
N VAL E 85 -31.69 -4.14 -42.26
CA VAL E 85 -30.43 -4.58 -42.84
C VAL E 85 -29.82 -3.57 -43.81
N THR E 86 -28.50 -3.58 -43.91
CA THR E 86 -27.76 -2.78 -44.88
C THR E 86 -27.01 -3.72 -45.82
N THR E 87 -26.63 -3.20 -46.99
CA THR E 87 -25.92 -4.01 -47.97
C THR E 87 -24.57 -4.51 -47.43
N GLU E 88 -23.99 -3.74 -46.51
CA GLU E 88 -22.69 -4.13 -45.91
C GLU E 88 -22.92 -5.30 -44.94
N ASP E 89 -24.16 -5.50 -44.50
CA ASP E 89 -24.49 -6.61 -43.57
C ASP E 89 -24.78 -7.89 -44.37
N SER E 90 -23.74 -8.44 -45.02
CA SER E 90 -23.91 -9.69 -45.80
C SER E 90 -22.92 -10.75 -45.31
N ALA E 91 -23.43 -11.92 -44.90
CA ALA E 91 -22.61 -13.03 -44.37
C ALA E 91 -23.48 -14.29 -44.25
N THR E 92 -22.92 -15.36 -43.67
CA THR E 92 -23.65 -16.63 -43.45
C THR E 92 -24.49 -16.52 -42.17
N TYR E 93 -25.74 -17.00 -42.24
CA TYR E 93 -26.69 -16.96 -41.09
C TYR E 93 -26.77 -18.34 -40.42
N TYR E 94 -25.96 -19.29 -40.90
CA TYR E 94 -26.12 -20.71 -40.50
C TYR E 94 -25.84 -21.06 -39.03
N CYS E 95 -24.97 -20.33 -38.33
CA CYS E 95 -24.80 -20.63 -36.89
C CYS E 95 -25.69 -20.10 -35.76
N ALA E 96 -26.28 -21.01 -34.96
CA ALA E 96 -27.15 -20.61 -33.82
C ALA E 96 -26.93 -21.57 -32.65
N THR E 97 -25.75 -21.54 -32.02
CA THR E 97 -25.45 -22.45 -30.88
C THR E 97 -24.80 -21.68 -29.73
N VAL E 98 -25.42 -20.86 -28.86
CA VAL E 98 -24.58 -19.98 -27.94
C VAL E 98 -24.44 -20.46 -26.48
N HIS E 99 -23.49 -21.39 -26.28
CA HIS E 99 -23.10 -22.28 -25.15
C HIS E 99 -22.68 -21.38 -23.99
N GLN E 100 -22.15 -20.19 -24.28
CA GLN E 100 -21.63 -19.27 -23.23
C GLN E 100 -22.54 -18.71 -22.13
N HIS E 101 -22.11 -18.85 -20.87
CA HIS E 101 -22.88 -18.35 -19.70
C HIS E 101 -22.04 -17.35 -18.89
N THR E 102 -22.64 -16.20 -18.53
CA THR E 102 -21.94 -15.11 -17.80
C THR E 102 -21.68 -15.48 -16.33
N SER E 103 -20.67 -14.84 -15.74
CA SER E 103 -20.21 -15.00 -14.33
C SER E 103 -19.10 -13.97 -14.10
N GLU E 104 -19.14 -13.18 -13.02
CA GLU E 104 -18.11 -12.17 -12.89
C GLU E 104 -17.88 -11.79 -11.43
N LYS E 105 -16.60 -11.79 -11.04
CA LYS E 105 -16.06 -11.41 -9.74
C LYS E 105 -14.54 -11.49 -9.87
N ARG E 106 -13.86 -10.58 -9.17
CA ARG E 106 -12.37 -10.48 -9.23
C ARG E 106 -11.78 -10.85 -7.87
N THR E 107 -10.72 -11.67 -7.89
CA THR E 107 -10.02 -12.13 -6.66
C THR E 107 -9.24 -10.99 -6.01
N CYS E 108 -8.96 -11.11 -4.71
CA CYS E 108 -8.22 -10.07 -3.93
C CYS E 108 -6.73 -10.06 -4.30
N PRO E 109 -5.89 -8.88 -3.94
CA PRO E 109 -4.51 -8.42 -4.09
C PRO E 109 -3.51 -9.38 -3.44
N ARG E 110 -2.24 -9.24 -3.78
CA ARG E 110 -1.20 -10.10 -3.24
C ARG E 110 -1.07 -10.43 -1.77
N ALA E 111 -1.49 -9.52 -0.90
CA ALA E 111 -1.42 -9.76 0.53
C ALA E 111 -2.77 -9.79 1.22
N TYR E 112 -3.86 -9.86 0.47
CA TYR E 112 -5.17 -9.62 1.04
C TYR E 112 -6.02 -10.87 0.97
N ARG E 113 -6.91 -11.01 1.96
CA ARG E 113 -7.75 -12.17 2.11
C ARG E 113 -9.02 -11.75 2.80
N PRO E 114 -10.19 -12.60 2.73
CA PRO E 114 -11.76 -12.70 3.37
C PRO E 114 -11.63 -13.15 4.83
N ASP E 115 -11.73 -12.19 5.76
CA ASP E 115 -11.69 -12.33 7.25
C ASP E 115 -10.25 -12.38 7.82
N CYS E 116 -9.21 -12.26 6.99
CA CYS E 116 -7.82 -12.23 7.52
C CYS E 116 -7.50 -10.75 7.82
N ALA E 117 -8.60 -10.04 8.12
CA ALA E 117 -8.79 -8.60 8.41
C ALA E 117 -9.84 -8.60 9.50
N ALA E 118 -10.25 -9.82 9.87
CA ALA E 118 -11.28 -10.08 10.82
C ALA E 118 -10.66 -9.34 12.09
N ARG E 119 -9.39 -8.95 11.95
CA ARG E 119 -8.59 -8.30 13.03
C ARG E 119 -8.51 -6.76 13.02
N TRP E 120 -7.70 -6.14 12.13
CA TRP E 120 -7.42 -4.67 12.21
C TRP E 120 -8.66 -3.79 12.09
N ASP E 121 -9.49 -4.02 11.07
CA ASP E 121 -10.77 -3.29 10.85
C ASP E 121 -11.70 -4.40 10.38
N CYS E 122 -12.74 -4.56 11.19
CA CYS E 122 -13.74 -5.64 11.06
C CYS E 122 -15.08 -5.37 10.39
N PRO E 123 -15.83 -4.09 10.62
CA PRO E 123 -17.17 -3.60 10.27
C PRO E 123 -16.99 -2.70 9.04
N GLY E 124 -17.91 -2.81 8.08
CA GLY E 124 -17.85 -2.00 6.85
C GLY E 124 -18.16 -2.80 5.60
N GLY E 125 -18.18 -2.12 4.45
CA GLY E 125 -18.46 -2.73 3.14
C GLY E 125 -17.20 -3.39 2.62
N ALA E 126 -16.01 -2.90 3.01
CA ALA E 126 -14.82 -3.52 2.43
C ALA E 126 -14.32 -4.65 3.32
N ASP E 127 -14.66 -5.87 2.94
CA ASP E 127 -14.38 -7.00 3.82
C ASP E 127 -13.02 -7.69 3.76
N CYS E 128 -12.49 -7.72 2.53
CA CYS E 128 -11.21 -8.38 2.21
C CYS E 128 -10.08 -7.50 2.71
N GLY E 129 -9.57 -7.82 3.90
CA GLY E 129 -8.88 -6.81 4.72
C GLY E 129 -7.40 -6.76 4.38
N TYR E 130 -6.61 -7.50 5.16
CA TYR E 130 -5.16 -7.53 5.08
C TYR E 130 -4.55 -8.59 5.96
N CYS E 131 -3.58 -9.33 5.39
CA CYS E 131 -3.01 -10.53 6.06
C CYS E 131 -1.65 -10.29 6.71
N ASN E 132 -0.57 -10.30 5.92
CA ASN E 132 0.81 -10.20 6.48
C ASN E 132 0.91 -8.93 7.34
N PHE E 133 1.44 -9.08 8.56
CA PHE E 133 1.58 -7.91 9.46
C PHE E 133 2.55 -6.91 8.82
N GLY E 134 2.10 -5.67 8.68
CA GLY E 134 2.88 -4.59 8.06
C GLY E 134 2.10 -3.74 7.07
N ALA E 135 2.75 -2.63 6.70
CA ALA E 135 2.22 -1.58 5.80
C ALA E 135 1.83 -2.47 4.63
N GLY E 136 0.64 -2.23 4.08
CA GLY E 136 0.18 -2.99 2.90
C GLY E 136 -0.32 -1.86 2.02
N SER E 137 -0.53 -2.16 0.74
CA SER E 137 -1.06 -1.23 -0.30
C SER E 137 -2.20 -0.43 0.34
N TYR E 138 -3.13 -1.19 0.91
CA TYR E 138 -4.32 -0.77 1.69
C TYR E 138 -4.23 -1.62 2.96
N GLY E 139 -3.40 -1.16 3.91
CA GLY E 139 -3.06 -1.95 5.11
C GLY E 139 -4.27 -2.35 5.94
N ARG E 140 -5.24 -1.46 6.11
CA ARG E 140 -6.44 -1.82 6.91
C ARG E 140 -7.25 -2.90 6.19
N CYS E 141 -7.88 -2.55 5.07
CA CYS E 141 -8.73 -3.48 4.28
C CYS E 141 -9.11 -2.83 2.95
N THR E 142 -9.83 -3.57 2.08
CA THR E 142 -10.23 -3.06 0.78
C THR E 142 -11.60 -3.58 0.38
N PRO E 143 -12.21 -3.02 -0.66
CA PRO E 143 -13.28 -3.73 -1.36
C PRO E 143 -12.75 -4.43 -2.61
N PHE E 144 -13.38 -5.55 -2.99
CA PHE E 144 -12.92 -6.43 -4.07
C PHE E 144 -12.28 -5.70 -5.24
N VAL F 5 -16.57 -8.60 -29.54
CA VAL F 5 -16.22 -9.41 -30.70
C VAL F 5 -15.12 -10.40 -30.37
N LEU F 6 -15.32 -11.66 -30.73
CA LEU F 6 -14.26 -12.66 -30.64
C LEU F 6 -13.48 -12.72 -31.94
N THR F 7 -12.34 -13.38 -31.86
CA THR F 7 -11.36 -13.43 -32.93
C THR F 7 -11.16 -14.87 -33.36
N GLN F 8 -10.88 -15.07 -34.65
CA GLN F 8 -10.61 -16.40 -35.20
C GLN F 8 -10.01 -16.24 -36.60
N PRO F 9 -9.12 -17.15 -37.00
CA PRO F 9 -8.61 -17.14 -38.38
C PRO F 9 -9.69 -17.40 -39.43
N SER F 10 -9.34 -17.16 -40.69
CA SER F 10 -10.26 -17.32 -41.81
C SER F 10 -9.72 -18.26 -42.90
N SER F 11 -8.69 -19.05 -42.59
CA SER F 11 -8.05 -19.86 -43.62
C SER F 11 -7.55 -21.16 -43.01
N VAL F 12 -7.80 -22.25 -43.75
CA VAL F 12 -7.45 -23.61 -43.34
C VAL F 12 -7.19 -24.41 -44.62
N SER F 13 -6.16 -25.25 -44.59
CA SER F 13 -5.85 -26.12 -45.72
C SER F 13 -4.94 -27.23 -45.22
N GLY F 14 -5.14 -28.42 -45.79
CA GLY F 14 -4.35 -29.58 -45.41
C GLY F 14 -4.56 -30.72 -46.38
N SER F 15 -4.01 -31.87 -46.03
CA SER F 15 -4.05 -33.06 -46.86
C SER F 15 -4.86 -34.11 -46.08
N LEU F 16 -5.21 -35.19 -46.78
CA LEU F 16 -5.97 -36.26 -46.17
C LEU F 16 -5.10 -37.06 -45.20
N GLY F 17 -5.62 -37.28 -43.99
CA GLY F 17 -4.97 -38.08 -42.99
C GLY F 17 -4.15 -37.29 -41.97
N GLN F 18 -3.64 -36.13 -42.37
CA GLN F 18 -2.79 -35.34 -41.49
C GLN F 18 -3.63 -34.50 -40.52
N ARG F 19 -2.96 -33.93 -39.53
CA ARG F 19 -3.61 -33.18 -38.47
C ARG F 19 -3.59 -31.68 -38.82
N VAL F 20 -4.76 -31.13 -39.12
CA VAL F 20 -4.93 -29.69 -39.35
C VAL F 20 -5.53 -29.11 -38.08
N SER F 21 -5.48 -27.78 -37.95
CA SER F 21 -5.86 -27.10 -36.71
C SER F 21 -7.13 -26.27 -36.88
N ILE F 22 -7.77 -25.97 -35.75
CA ILE F 22 -8.79 -24.93 -35.63
C ILE F 22 -8.61 -24.26 -34.27
N THR F 23 -8.74 -22.94 -34.21
CA THR F 23 -8.41 -22.18 -33.01
C THR F 23 -9.52 -21.20 -32.64
N CYS F 24 -9.63 -20.89 -31.35
CA CYS F 24 -10.63 -19.96 -30.85
C CYS F 24 -9.95 -18.93 -29.96
N SER F 25 -9.44 -17.87 -30.57
CA SER F 25 -8.65 -16.86 -29.88
C SER F 25 -9.57 -15.82 -29.28
N GLY F 26 -9.27 -15.42 -28.05
CA GLY F 26 -10.05 -14.43 -27.33
C GLY F 26 -9.22 -13.57 -26.41
N SER F 27 -9.78 -13.20 -25.26
CA SER F 27 -9.08 -12.33 -24.32
C SER F 27 -9.74 -12.52 -22.94
N SER F 28 -9.32 -11.70 -21.98
CA SER F 28 -9.82 -11.85 -20.61
C SER F 28 -11.34 -11.78 -20.44
N SER F 29 -12.00 -10.88 -21.18
CA SER F 29 -13.43 -10.66 -20.99
C SER F 29 -14.29 -11.70 -21.71
N ASN F 30 -13.73 -12.49 -22.61
CA ASN F 30 -14.52 -13.40 -23.42
C ASN F 30 -14.15 -14.86 -23.23
N VAL F 31 -12.89 -15.21 -23.09
CA VAL F 31 -12.49 -16.61 -23.09
C VAL F 31 -12.32 -17.01 -21.62
N GLY F 32 -11.63 -16.18 -20.85
CA GLY F 32 -11.17 -16.56 -19.52
C GLY F 32 -12.23 -17.19 -18.63
N ASN F 33 -13.50 -16.84 -18.87
CA ASN F 33 -14.63 -17.40 -18.09
C ASN F 33 -15.67 -18.01 -19.04
N GLY F 34 -15.32 -18.19 -20.32
CA GLY F 34 -16.27 -18.73 -21.31
C GLY F 34 -15.80 -20.06 -21.92
N TYR F 35 -16.69 -21.05 -21.94
CA TYR F 35 -16.40 -22.40 -22.52
C TYR F 35 -16.36 -22.31 -24.05
N VAL F 36 -15.64 -23.23 -24.70
CA VAL F 36 -15.51 -23.23 -26.19
C VAL F 36 -15.99 -24.58 -26.75
N SER F 37 -16.86 -24.54 -27.77
CA SER F 37 -17.38 -25.76 -28.43
C SER F 37 -17.21 -25.61 -29.95
N TRP F 38 -17.17 -26.73 -30.70
CA TRP F 38 -16.97 -26.65 -32.15
C TRP F 38 -18.00 -27.51 -32.87
N TYR F 39 -18.43 -27.02 -34.04
CA TYR F 39 -19.70 -27.41 -34.66
C TYR F 39 -19.57 -27.49 -36.19
N GLN F 40 -20.27 -28.46 -36.78
CA GLN F 40 -20.07 -28.85 -38.18
C GLN F 40 -21.08 -28.16 -39.09
N LEU F 41 -20.66 -27.07 -39.73
CA LEU F 41 -21.58 -26.20 -40.48
C LEU F 41 -21.31 -26.33 -41.98
N ILE F 42 -22.19 -27.05 -42.66
CA ILE F 42 -22.16 -27.31 -44.11
C ILE F 42 -22.82 -26.11 -44.80
N PRO F 43 -22.56 -25.85 -46.11
CA PRO F 43 -23.41 -24.89 -46.82
C PRO F 43 -24.91 -25.24 -46.74
N GLY F 44 -25.65 -24.47 -45.95
CA GLY F 44 -27.07 -24.67 -45.75
C GLY F 44 -27.46 -25.75 -44.75
N SER F 45 -26.56 -26.65 -44.37
CA SER F 45 -26.94 -27.89 -43.70
C SER F 45 -26.46 -27.92 -42.25
N ALA F 46 -27.03 -28.88 -41.51
CA ALA F 46 -27.13 -28.84 -40.05
C ALA F 46 -25.77 -28.92 -39.37
N PRO F 47 -25.68 -28.48 -38.12
CA PRO F 47 -24.48 -28.70 -37.30
C PRO F 47 -24.65 -29.79 -36.24
N ARG F 48 -23.59 -29.93 -35.45
CA ARG F 48 -23.51 -30.89 -34.34
C ARG F 48 -22.29 -30.51 -33.51
N THR F 49 -22.41 -30.53 -32.18
CA THR F 49 -21.23 -30.24 -31.36
C THR F 49 -20.27 -31.41 -31.38
N LEU F 50 -18.99 -31.09 -31.20
CA LEU F 50 -17.96 -32.13 -31.15
C LEU F 50 -17.32 -32.22 -29.78
N ILE F 51 -16.74 -31.13 -29.27
CA ILE F 51 -16.19 -31.06 -27.92
C ILE F 51 -16.94 -29.95 -27.19
N TYR F 52 -17.28 -30.18 -25.93
CA TYR F 52 -18.09 -29.16 -25.19
C TYR F 52 -17.86 -29.28 -23.68
N GLY F 53 -17.66 -28.15 -23.02
CA GLY F 53 -17.37 -28.12 -21.58
C GLY F 53 -15.88 -28.26 -21.33
N ASP F 54 -15.08 -28.22 -22.41
CA ASP F 54 -13.59 -28.33 -22.48
C ASP F 54 -13.10 -29.77 -22.25
N THR F 55 -13.44 -30.36 -21.09
CA THR F 55 -12.99 -31.73 -20.71
C THR F 55 -13.53 -32.83 -21.63
N ASN F 56 -14.78 -32.74 -22.11
CA ASN F 56 -15.30 -33.90 -22.89
C ASN F 56 -16.14 -33.55 -24.12
N ARG F 57 -16.86 -34.59 -24.59
CA ARG F 57 -17.74 -34.73 -25.72
C ARG F 57 -18.93 -35.59 -25.33
N ALA F 58 -19.96 -35.57 -26.16
CA ALA F 58 -21.17 -36.32 -25.87
C ALA F 58 -21.10 -37.71 -26.48
N SER F 59 -21.97 -38.60 -26.00
CA SER F 59 -22.15 -39.90 -26.61
C SER F 59 -22.53 -39.20 -27.91
N GLY F 60 -22.33 -39.89 -29.03
CA GLY F 60 -22.48 -39.27 -30.34
C GLY F 60 -21.51 -38.34 -31.02
N VAL F 61 -20.24 -38.39 -30.64
CA VAL F 61 -19.19 -37.55 -31.23
C VAL F 61 -18.21 -38.54 -31.84
N PRO F 62 -17.63 -38.24 -33.00
CA PRO F 62 -16.45 -38.99 -33.45
C PRO F 62 -15.17 -38.41 -32.90
N ASP F 63 -14.14 -39.27 -32.83
CA ASP F 63 -12.85 -38.91 -32.28
C ASP F 63 -11.87 -38.37 -33.31
N ARG F 64 -12.37 -37.84 -34.44
CA ARG F 64 -11.50 -37.25 -35.44
C ARG F 64 -11.27 -35.77 -35.22
N PHE F 65 -12.13 -35.10 -34.48
CA PHE F 65 -11.93 -33.73 -34.04
C PHE F 65 -11.72 -33.74 -32.53
N SER F 66 -10.81 -32.90 -32.05
CA SER F 66 -10.51 -32.87 -30.64
C SER F 66 -10.13 -31.45 -30.21
N GLY F 67 -10.39 -31.15 -28.95
CA GLY F 67 -10.18 -29.81 -28.48
C GLY F 67 -9.10 -29.62 -27.43
N SER F 68 -8.41 -28.49 -27.53
CA SER F 68 -7.43 -28.07 -26.53
C SER F 68 -7.59 -26.59 -26.31
N ARG F 69 -7.12 -26.11 -25.15
CA ARG F 69 -7.26 -24.72 -24.78
C ARG F 69 -6.04 -24.29 -23.97
N ALA F 70 -5.77 -22.99 -23.96
CA ALA F 70 -4.60 -22.45 -23.27
C ALA F 70 -4.82 -20.98 -22.95
N GLY F 71 -4.91 -20.65 -21.67
CA GLY F 71 -4.97 -19.28 -21.22
C GLY F 71 -6.21 -18.51 -21.66
N ASN F 72 -6.01 -17.42 -22.38
CA ASN F 72 -7.09 -16.54 -22.81
C ASN F 72 -7.52 -16.82 -24.25
N THR F 73 -7.19 -17.99 -24.79
CA THR F 73 -7.61 -18.44 -26.10
C THR F 73 -7.79 -19.94 -26.10
N ALA F 74 -8.55 -20.43 -27.09
CA ALA F 74 -8.79 -21.84 -27.27
C ALA F 74 -8.43 -22.38 -28.65
N THR F 75 -8.39 -23.71 -28.77
CA THR F 75 -7.95 -24.37 -29.98
C THR F 75 -8.70 -25.68 -30.15
N LEU F 76 -8.82 -26.10 -31.41
CA LEU F 76 -9.27 -27.44 -31.80
C LEU F 76 -8.16 -28.21 -32.51
N SER F 77 -8.33 -29.53 -32.61
CA SER F 77 -7.33 -30.43 -33.17
C SER F 77 -8.08 -31.36 -34.11
N ILE F 78 -7.69 -31.37 -35.37
CA ILE F 78 -8.41 -32.08 -36.41
C ILE F 78 -7.56 -33.28 -36.82
N SER F 79 -7.77 -34.41 -36.16
CA SER F 79 -7.03 -35.62 -36.49
C SER F 79 -7.66 -36.28 -37.71
N SER F 80 -6.81 -36.67 -38.66
CA SER F 80 -7.23 -37.33 -39.89
C SER F 80 -8.25 -36.55 -40.72
N LEU F 81 -7.88 -35.31 -41.05
CA LEU F 81 -8.74 -34.44 -41.86
C LEU F 81 -9.44 -35.21 -42.98
N GLN F 82 -10.76 -35.15 -42.96
CA GLN F 82 -11.59 -36.05 -43.76
C GLN F 82 -12.51 -35.23 -44.66
N ALA F 83 -13.11 -35.90 -45.65
CA ALA F 83 -14.17 -35.29 -46.44
C ALA F 83 -15.42 -35.03 -45.60
N GLU F 84 -15.57 -35.73 -44.47
CA GLU F 84 -16.65 -35.44 -43.53
C GLU F 84 -16.42 -34.12 -42.80
N ASP F 85 -15.16 -33.70 -42.69
CA ASP F 85 -14.82 -32.44 -41.99
C ASP F 85 -14.76 -31.28 -43.00
N GLU F 86 -15.64 -31.28 -44.00
CA GLU F 86 -15.67 -30.20 -45.02
C GLU F 86 -16.78 -29.21 -44.69
N ALA F 87 -16.83 -28.74 -43.44
CA ALA F 87 -17.86 -27.77 -43.00
C ALA F 87 -17.21 -26.70 -42.11
N GLU F 88 -17.86 -25.53 -41.99
CA GLU F 88 -17.33 -24.42 -41.17
C GLU F 88 -17.55 -24.73 -39.68
N TYR F 89 -16.49 -24.63 -38.87
CA TYR F 89 -16.54 -24.89 -37.44
C TYR F 89 -16.52 -23.57 -36.69
N PHE F 90 -17.57 -23.34 -35.89
CA PHE F 90 -17.85 -22.11 -35.16
C PHE F 90 -17.76 -22.40 -33.66
N CYS F 91 -17.55 -21.34 -32.87
CA CYS F 91 -17.43 -21.46 -31.42
C CYS F 91 -17.84 -20.15 -30.76
N ALA F 92 -18.11 -20.26 -29.46
CA ALA F 92 -18.43 -19.11 -28.61
C ALA F 92 -17.70 -19.12 -27.27
N SER F 93 -17.55 -17.92 -26.69
CA SER F 93 -16.87 -17.69 -25.42
C SER F 93 -17.59 -16.52 -24.76
N PRO F 94 -17.92 -16.60 -23.48
CA PRO F 94 -18.93 -15.70 -22.91
C PRO F 94 -18.47 -14.26 -22.78
N GLU F 95 -19.38 -13.36 -23.10
CA GLU F 95 -19.19 -11.94 -22.86
C GLU F 95 -19.94 -11.56 -21.59
N ASP F 96 -19.24 -10.90 -20.67
CA ASP F 96 -19.82 -10.46 -19.41
C ASP F 96 -20.15 -8.99 -19.39
N SER F 97 -19.77 -8.23 -20.43
CA SER F 97 -20.08 -6.80 -20.44
C SER F 97 -21.57 -6.57 -20.72
N SER F 98 -22.15 -7.35 -21.63
CA SER F 98 -23.57 -7.28 -21.92
C SER F 98 -24.31 -8.57 -21.58
N SER F 99 -23.68 -9.47 -20.82
CA SER F 99 -24.27 -10.75 -20.43
C SER F 99 -24.53 -11.90 -21.41
N ASN F 100 -23.58 -12.06 -22.34
CA ASN F 100 -23.74 -12.77 -23.59
C ASN F 100 -22.67 -13.84 -23.69
N ALA F 101 -22.60 -14.51 -24.84
CA ALA F 101 -21.68 -15.62 -25.09
C ALA F 101 -21.01 -15.42 -26.45
N ASN F 102 -19.92 -14.68 -26.47
CA ASN F 102 -19.39 -14.19 -27.75
C ASN F 102 -18.80 -15.32 -28.59
N PHE F 103 -19.17 -15.36 -29.86
CA PHE F 103 -18.79 -16.40 -30.83
C PHE F 103 -17.51 -16.03 -31.57
N GLY F 104 -16.70 -17.05 -31.83
CA GLY F 104 -15.75 -17.01 -32.92
C GLY F 104 -16.37 -17.63 -34.17
N SER F 105 -16.23 -16.92 -35.29
CA SER F 105 -16.92 -17.24 -36.52
C SER F 105 -16.00 -18.05 -37.42
N GLY F 106 -16.52 -19.17 -37.93
CA GLY F 106 -15.73 -20.26 -38.45
C GLY F 106 -15.32 -20.13 -39.92
N THR F 107 -14.43 -21.04 -40.30
CA THR F 107 -13.69 -21.00 -41.54
C THR F 107 -14.22 -21.85 -42.69
N THR F 108 -13.77 -21.56 -43.91
CA THR F 108 -14.08 -22.41 -45.06
C THR F 108 -13.09 -23.58 -45.09
N LEU F 109 -13.58 -24.78 -44.75
CA LEU F 109 -12.72 -25.93 -44.49
C LEU F 109 -12.58 -26.77 -45.75
N THR F 110 -11.63 -26.39 -46.60
CA THR F 110 -11.40 -27.05 -47.88
C THR F 110 -10.36 -28.15 -47.71
N VAL F 111 -10.64 -29.32 -48.26
CA VAL F 111 -9.79 -30.49 -48.11
C VAL F 111 -9.01 -30.70 -49.40
N LEU F 112 -7.71 -30.91 -49.28
CA LEU F 112 -6.86 -31.14 -50.45
C LEU F 112 -6.65 -32.63 -50.69
#